data_2MRU
#
_entry.id   2MRU
#
loop_
_entity.id
_entity.type
_entity.pdbx_description
1 polymer 'Antitoxin MazE'
2 polymer "DNA (5'-D(*CP*GP*TP*GP*AP*TP*AP*TP*AP*TP*AP*GP*TP*GP*C)-3')"
3 polymer "DNA (5'-D(P*GP*CP*AP*CP*TP*AP*TP*AP*TP*AP*TP*CP*AP*CP*G)-3')"
#
loop_
_entity_poly.entity_id
_entity_poly.type
_entity_poly.pdbx_seq_one_letter_code
_entity_poly.pdbx_strand_id
1 'polypeptide(L)' NHKVHHHHHHMSDDDDKGIHSSVKRWGNSPAVRIPATLMQALNLNIDDEVKIDLVDGKLIIEPVRKE A,B
2 'polydeoxyribonucleotide' (DC)(DG)(DT)(DG)(DA)(DT)(DA)(DT)(DA)(DT)(DA)(DG)(DT)(DG)(DC) X
3 'polydeoxyribonucleotide' (DG)(DC)(DA)(DC)(DT)(DA)(DT)(DA)(DT)(DA)(DT)(DC)(DA)(DC)(DG) Y
#
loop_
_chem_comp.id
_chem_comp.type
_chem_comp.name
_chem_comp.formula
DA DNA linking 2'-DEOXYADENOSINE-5'-MONOPHOSPHATE 'C10 H14 N5 O6 P'
DC DNA linking 2'-DEOXYCYTIDINE-5'-MONOPHOSPHATE 'C9 H14 N3 O7 P'
DG DNA linking 2'-DEOXYGUANOSINE-5'-MONOPHOSPHATE 'C10 H14 N5 O7 P'
DT DNA linking THYMIDINE-5'-MONOPHOSPHATE 'C10 H15 N2 O8 P'
#
# COMPACT_ATOMS: atom_id res chain seq x y z
N GLY A 18 7.98 6.23 10.39
CA GLY A 18 8.09 4.90 9.74
C GLY A 18 9.04 4.90 8.56
N ILE A 19 8.63 4.26 7.48
CA ILE A 19 9.43 4.19 6.27
C ILE A 19 8.68 4.81 5.11
N HIS A 20 9.29 5.80 4.47
CA HIS A 20 8.67 6.46 3.32
C HIS A 20 9.00 5.70 2.04
N SER A 21 7.98 5.43 1.25
CA SER A 21 8.17 4.72 0.00
C SER A 21 7.64 5.53 -1.18
N SER A 22 8.29 5.40 -2.33
CA SER A 22 7.89 6.12 -3.52
C SER A 22 6.85 5.32 -4.31
N VAL A 23 5.65 5.85 -4.41
CA VAL A 23 4.59 5.19 -5.15
C VAL A 23 4.84 5.33 -6.65
N LYS A 24 5.55 4.37 -7.22
CA LYS A 24 5.86 4.39 -8.64
C LYS A 24 4.68 3.87 -9.46
N ARG A 25 4.86 3.83 -10.76
CA ARG A 25 3.81 3.38 -11.66
C ARG A 25 4.02 1.95 -12.13
N TRP A 26 3.20 1.05 -11.61
CA TRP A 26 3.26 -0.35 -11.99
C TRP A 26 2.47 -0.52 -13.28
N GLY A 27 3.14 -0.32 -14.40
CA GLY A 27 2.48 -0.42 -15.68
C GLY A 27 1.69 0.84 -15.95
N ASN A 28 0.42 0.82 -15.57
CA ASN A 28 -0.43 1.99 -15.75
C ASN A 28 -1.09 2.39 -14.44
N SER A 29 -1.01 1.51 -13.45
CA SER A 29 -1.60 1.78 -12.15
C SER A 29 -0.52 1.96 -11.08
N PRO A 30 -0.73 2.88 -10.14
CA PRO A 30 0.23 3.13 -9.06
C PRO A 30 0.20 2.03 -8.03
N ALA A 31 1.34 1.77 -7.39
CA ALA A 31 1.42 0.73 -6.39
C ALA A 31 2.34 1.10 -5.24
N VAL A 32 1.87 0.88 -4.02
CA VAL A 32 2.64 1.16 -2.83
C VAL A 32 3.58 -0.01 -2.57
N ARG A 33 4.86 0.21 -2.81
CA ARG A 33 5.87 -0.83 -2.62
C ARG A 33 5.99 -1.22 -1.16
N ILE A 34 5.78 -2.49 -0.88
CA ILE A 34 5.87 -3.00 0.48
C ILE A 34 7.12 -3.88 0.61
N PRO A 35 8.16 -3.37 1.28
CA PRO A 35 9.41 -4.09 1.48
C PRO A 35 9.20 -5.45 2.15
N ALA A 36 10.02 -6.42 1.76
CA ALA A 36 9.94 -7.77 2.31
C ALA A 36 10.14 -7.75 3.83
N THR A 37 10.84 -6.74 4.31
CA THR A 37 11.08 -6.57 5.73
C THR A 37 9.73 -6.40 6.47
N LEU A 38 8.81 -5.70 5.83
CA LEU A 38 7.49 -5.46 6.41
C LEU A 38 6.62 -6.71 6.29
N MET A 39 6.84 -7.48 5.24
CA MET A 39 6.08 -8.71 5.02
C MET A 39 6.31 -9.68 6.17
N GLN A 40 7.57 -9.87 6.51
CA GLN A 40 7.95 -10.75 7.60
C GLN A 40 7.44 -10.24 8.94
N ALA A 41 7.37 -8.92 9.07
CA ALA A 41 6.91 -8.29 10.30
C ALA A 41 5.49 -8.71 10.67
N LEU A 42 4.55 -8.50 9.75
CA LEU A 42 3.15 -8.85 9.99
C LEU A 42 2.86 -10.30 9.60
N ASN A 43 3.90 -10.99 9.13
CA ASN A 43 3.79 -12.38 8.71
C ASN A 43 2.85 -12.54 7.52
N LEU A 44 2.98 -11.65 6.55
CA LEU A 44 2.16 -11.69 5.35
C LEU A 44 3.04 -12.08 4.16
N ASN A 45 2.43 -12.53 3.08
CA ASN A 45 3.18 -12.94 1.90
C ASN A 45 2.53 -12.45 0.62
N ILE A 46 3.06 -12.90 -0.50
CA ILE A 46 2.54 -12.52 -1.81
C ILE A 46 1.23 -13.26 -2.10
N ASP A 47 0.40 -12.65 -2.94
CA ASP A 47 -0.88 -13.24 -3.34
C ASP A 47 -1.87 -13.30 -2.19
N ASP A 48 -1.75 -12.37 -1.25
CA ASP A 48 -2.66 -12.31 -0.13
C ASP A 48 -3.71 -11.24 -0.35
N GLU A 49 -4.68 -11.17 0.54
CA GLU A 49 -5.76 -10.20 0.42
C GLU A 49 -5.72 -9.19 1.55
N VAL A 50 -5.70 -7.92 1.19
CA VAL A 50 -5.66 -6.84 2.17
C VAL A 50 -6.88 -5.96 2.04
N LYS A 51 -7.43 -5.54 3.18
CA LYS A 51 -8.60 -4.70 3.19
C LYS A 51 -8.18 -3.24 3.05
N ILE A 52 -8.43 -2.66 1.90
CA ILE A 52 -8.09 -1.27 1.65
C ILE A 52 -9.18 -0.37 2.19
N ASP A 53 -8.97 0.13 3.40
CA ASP A 53 -9.96 1.00 4.05
C ASP A 53 -9.53 2.46 3.94
N LEU A 54 -10.49 3.36 4.09
CA LEU A 54 -10.23 4.79 4.01
C LEU A 54 -10.52 5.44 5.36
N VAL A 55 -9.49 5.56 6.18
CA VAL A 55 -9.65 6.15 7.50
C VAL A 55 -8.65 7.30 7.68
N ASP A 56 -9.15 8.42 8.20
CA ASP A 56 -8.34 9.61 8.46
C ASP A 56 -7.77 10.20 7.16
N GLY A 57 -8.43 9.91 6.05
CA GLY A 57 -7.97 10.42 4.77
C GLY A 57 -6.70 9.71 4.31
N LYS A 58 -6.44 8.55 4.91
CA LYS A 58 -5.25 7.77 4.60
C LYS A 58 -5.65 6.37 4.17
N LEU A 59 -4.69 5.63 3.63
CA LEU A 59 -4.93 4.28 3.17
C LEU A 59 -4.66 3.30 4.29
N ILE A 60 -5.69 2.62 4.75
CA ILE A 60 -5.56 1.65 5.80
C ILE A 60 -5.35 0.27 5.18
N ILE A 61 -4.12 -0.22 5.26
CA ILE A 61 -3.80 -1.52 4.69
C ILE A 61 -3.64 -2.57 5.78
N GLU A 62 -4.61 -3.47 5.86
CA GLU A 62 -4.58 -4.54 6.84
C GLU A 62 -4.74 -5.90 6.17
N PRO A 63 -3.83 -6.83 6.47
CA PRO A 63 -3.85 -8.19 5.90
C PRO A 63 -4.98 -9.02 6.48
N VAL A 64 -5.92 -9.40 5.61
CA VAL A 64 -7.05 -10.21 6.04
C VAL A 64 -6.95 -11.59 5.41
N ARG A 65 -6.24 -12.48 6.08
CA ARG A 65 -6.04 -13.84 5.60
C ARG A 65 -7.37 -14.56 5.41
N LYS A 66 -7.44 -15.37 4.36
CA LYS A 66 -8.65 -16.14 4.07
C LYS A 66 -8.46 -17.57 4.54
N GLU A 67 -8.40 -17.75 5.85
CA GLU A 67 -8.23 -19.07 6.44
C GLU A 67 -9.40 -19.40 7.34
N GLY B 18 -15.18 -3.95 0.24
CA GLY B 18 -14.89 -3.28 -1.06
C GLY B 18 -14.47 -4.26 -2.13
N ILE B 19 -13.62 -3.81 -3.04
CA ILE B 19 -13.13 -4.63 -4.13
C ILE B 19 -12.14 -5.68 -3.60
N HIS B 20 -12.31 -6.91 -4.04
CA HIS B 20 -11.44 -8.00 -3.61
C HIS B 20 -10.13 -8.04 -4.40
N SER B 21 -9.39 -6.95 -4.35
CA SER B 21 -8.10 -6.86 -5.04
C SER B 21 -7.05 -7.67 -4.29
N SER B 22 -6.06 -8.18 -5.00
CA SER B 22 -5.02 -8.99 -4.39
C SER B 22 -3.64 -8.36 -4.59
N VAL B 23 -2.74 -8.61 -3.64
CA VAL B 23 -1.38 -8.07 -3.71
C VAL B 23 -0.47 -9.05 -4.43
N LYS B 24 0.02 -8.63 -5.59
CA LYS B 24 0.92 -9.46 -6.38
C LYS B 24 2.37 -9.01 -6.19
N ARG B 25 3.29 -9.76 -6.78
CA ARG B 25 4.71 -9.46 -6.66
C ARG B 25 5.18 -8.49 -7.74
N TRP B 26 5.94 -7.48 -7.34
CA TRP B 26 6.48 -6.49 -8.25
C TRP B 26 7.97 -6.72 -8.43
N GLY B 27 8.33 -7.65 -9.31
CA GLY B 27 9.72 -7.95 -9.55
C GLY B 27 10.29 -8.84 -8.46
N ASN B 28 10.47 -8.27 -7.28
CA ASN B 28 10.99 -9.02 -6.14
C ASN B 28 10.15 -8.76 -4.90
N SER B 29 9.91 -7.49 -4.60
CA SER B 29 9.12 -7.11 -3.45
C SER B 29 7.67 -6.88 -3.86
N PRO B 30 6.71 -7.15 -2.95
CA PRO B 30 5.29 -6.96 -3.23
C PRO B 30 4.91 -5.48 -3.25
N ALA B 31 3.79 -5.17 -3.88
CA ALA B 31 3.31 -3.81 -3.97
C ALA B 31 1.79 -3.77 -3.95
N VAL B 32 1.24 -2.89 -3.14
CA VAL B 32 -0.20 -2.75 -3.04
C VAL B 32 -0.71 -1.88 -4.17
N ARG B 33 -1.38 -2.51 -5.13
CA ARG B 33 -1.94 -1.81 -6.27
C ARG B 33 -3.10 -0.92 -5.83
N ILE B 34 -2.91 0.38 -5.96
CA ILE B 34 -3.94 1.33 -5.56
C ILE B 34 -4.64 1.88 -6.78
N PRO B 35 -5.96 1.72 -6.85
CA PRO B 35 -6.76 2.20 -7.97
C PRO B 35 -6.48 3.68 -8.25
N ALA B 36 -6.15 3.98 -9.51
CA ALA B 36 -5.85 5.34 -9.92
C ALA B 36 -7.03 6.28 -9.60
N THR B 37 -8.22 5.72 -9.61
CA THR B 37 -9.43 6.47 -9.31
C THR B 37 -9.43 6.94 -7.86
N LEU B 38 -8.86 6.13 -6.97
CA LEU B 38 -8.78 6.46 -5.55
C LEU B 38 -7.64 7.43 -5.27
N MET B 39 -6.59 7.32 -6.08
CA MET B 39 -5.43 8.20 -5.94
C MET B 39 -5.82 9.66 -6.12
N GLN B 40 -6.78 9.88 -7.02
CA GLN B 40 -7.27 11.22 -7.29
C GLN B 40 -8.10 11.74 -6.12
N ALA B 41 -8.70 10.82 -5.37
CA ALA B 41 -9.53 11.20 -4.22
C ALA B 41 -8.66 11.68 -3.07
N LEU B 42 -7.51 11.06 -2.89
CA LEU B 42 -6.58 11.43 -1.83
C LEU B 42 -5.72 12.62 -2.26
N ASN B 43 -5.83 12.97 -3.53
CA ASN B 43 -5.09 14.09 -4.11
C ASN B 43 -3.58 13.87 -4.10
N LEU B 44 -3.15 12.77 -4.71
CA LEU B 44 -1.74 12.45 -4.81
C LEU B 44 -1.43 11.90 -6.20
N ASN B 45 -0.16 11.74 -6.53
CA ASN B 45 0.22 11.24 -7.85
C ASN B 45 1.38 10.26 -7.79
N ILE B 46 2.01 10.01 -8.93
CA ILE B 46 3.13 9.09 -9.00
C ILE B 46 4.38 9.74 -8.40
N ASP B 47 5.21 8.92 -7.77
CA ASP B 47 6.46 9.38 -7.15
C ASP B 47 6.19 10.04 -5.80
N ASP B 48 4.95 9.91 -5.32
CA ASP B 48 4.57 10.47 -4.03
C ASP B 48 5.22 9.66 -2.92
N GLU B 49 5.63 10.34 -1.86
CA GLU B 49 6.29 9.68 -0.75
C GLU B 49 5.31 9.40 0.39
N VAL B 50 4.83 8.17 0.45
CA VAL B 50 3.90 7.77 1.48
C VAL B 50 4.66 7.26 2.70
N LYS B 51 4.25 7.71 3.87
CA LYS B 51 4.88 7.29 5.11
C LYS B 51 4.21 6.04 5.66
N ILE B 52 4.91 4.93 5.61
CA ILE B 52 4.38 3.68 6.13
C ILE B 52 4.71 3.59 7.61
N ASP B 53 3.71 3.78 8.45
CA ASP B 53 3.91 3.71 9.89
C ASP B 53 3.10 2.58 10.49
N LEU B 54 3.69 1.88 11.45
CA LEU B 54 3.02 0.77 12.10
C LEU B 54 2.10 1.24 13.23
N VAL B 55 0.80 1.19 12.98
CA VAL B 55 -0.19 1.61 13.95
C VAL B 55 -1.29 0.57 14.04
N ASP B 56 -1.62 0.16 15.26
CA ASP B 56 -2.69 -0.82 15.51
C ASP B 56 -2.41 -2.16 14.82
N GLY B 57 -1.14 -2.44 14.55
CA GLY B 57 -0.78 -3.68 13.89
C GLY B 57 -1.16 -3.72 12.43
N LYS B 58 -1.37 -2.54 11.85
CA LYS B 58 -1.73 -2.44 10.44
C LYS B 58 -0.86 -1.40 9.75
N LEU B 59 -0.88 -1.40 8.43
CA LEU B 59 -0.07 -0.47 7.67
C LEU B 59 -0.82 0.83 7.39
N ILE B 60 -0.41 1.90 8.07
CA ILE B 60 -1.03 3.20 7.87
C ILE B 60 -0.29 3.92 6.76
N ILE B 61 -0.90 4.00 5.59
CA ILE B 61 -0.29 4.65 4.44
C ILE B 61 -0.78 6.09 4.29
N GLU B 62 0.04 7.04 4.74
CA GLU B 62 -0.31 8.44 4.64
C GLU B 62 0.62 9.17 3.67
N PRO B 63 0.07 9.75 2.59
CA PRO B 63 0.84 10.50 1.59
C PRO B 63 1.44 11.76 2.18
N VAL B 64 2.76 11.87 2.13
CA VAL B 64 3.46 13.02 2.68
C VAL B 64 3.95 13.93 1.55
N ARG B 65 3.32 15.08 1.42
CA ARG B 65 3.68 16.05 0.40
C ARG B 65 5.03 16.69 0.72
N LYS B 66 5.81 16.98 -0.31
CA LYS B 66 7.11 17.59 -0.13
C LYS B 66 7.07 19.08 -0.47
N GLU B 67 6.61 19.88 0.48
CA GLU B 67 6.52 21.31 0.29
C GLU B 67 7.58 22.01 1.13
N GLY A 18 9.08 4.49 10.66
CA GLY A 18 8.35 4.44 9.37
C GLY A 18 9.29 4.40 8.19
N ILE A 19 8.80 3.94 7.05
CA ILE A 19 9.60 3.86 5.84
C ILE A 19 9.04 4.79 4.77
N HIS A 20 9.91 5.50 4.07
CA HIS A 20 9.49 6.42 3.02
C HIS A 20 9.82 5.88 1.64
N SER A 21 8.89 5.10 1.10
CA SER A 21 9.07 4.53 -0.23
C SER A 21 8.35 5.37 -1.28
N SER A 22 8.94 5.48 -2.46
CA SER A 22 8.35 6.25 -3.54
C SER A 22 7.33 5.42 -4.30
N VAL A 23 6.10 5.92 -4.38
CA VAL A 23 5.03 5.23 -5.10
C VAL A 23 5.25 5.36 -6.61
N LYS A 24 5.85 4.35 -7.20
CA LYS A 24 6.11 4.34 -8.62
C LYS A 24 4.90 3.82 -9.39
N ARG A 25 5.01 3.75 -10.70
CA ARG A 25 3.92 3.28 -11.53
C ARG A 25 4.17 1.87 -12.04
N TRP A 26 3.31 0.95 -11.66
CA TRP A 26 3.40 -0.43 -12.09
C TRP A 26 2.72 -0.54 -13.46
N GLY A 27 3.50 -0.34 -14.51
CA GLY A 27 2.95 -0.39 -15.85
C GLY A 27 2.15 0.85 -16.17
N ASN A 28 0.87 0.80 -15.87
CA ASN A 28 -0.01 1.94 -16.14
C ASN A 28 -0.83 2.34 -14.91
N SER A 29 -0.64 1.62 -13.81
CA SER A 29 -1.35 1.92 -12.56
C SER A 29 -0.36 2.10 -11.41
N PRO A 30 -0.70 2.95 -10.42
CA PRO A 30 0.17 3.21 -9.27
C PRO A 30 0.34 1.99 -8.37
N ALA A 31 1.54 1.82 -7.82
CA ALA A 31 1.82 0.70 -6.94
C ALA A 31 2.73 1.14 -5.79
N VAL A 32 2.33 0.81 -4.57
CA VAL A 32 3.10 1.16 -3.39
C VAL A 32 4.14 0.08 -3.12
N ARG A 33 5.40 0.49 -3.05
CA ARG A 33 6.49 -0.44 -2.78
C ARG A 33 6.46 -0.91 -1.34
N ILE A 34 6.12 -2.18 -1.15
CA ILE A 34 6.06 -2.75 0.19
C ILE A 34 7.03 -3.93 0.29
N PRO A 35 8.17 -3.69 0.95
CA PRO A 35 9.22 -4.71 1.13
C PRO A 35 8.67 -6.00 1.77
N ALA A 36 9.25 -7.13 1.39
CA ALA A 36 8.84 -8.43 1.90
C ALA A 36 9.04 -8.54 3.41
N THR A 37 9.94 -7.71 3.94
CA THR A 37 10.22 -7.70 5.37
C THR A 37 8.95 -7.41 6.16
N LEU A 38 8.13 -6.51 5.64
CA LEU A 38 6.87 -6.14 6.29
C LEU A 38 5.84 -7.24 6.06
N MET A 39 5.91 -7.85 4.90
CA MET A 39 4.99 -8.93 4.53
C MET A 39 5.15 -10.12 5.47
N GLN A 40 6.39 -10.41 5.83
CA GLN A 40 6.69 -11.53 6.72
C GLN A 40 6.19 -11.22 8.14
N ALA A 41 6.28 -9.95 8.52
CA ALA A 41 5.86 -9.52 9.85
C ALA A 41 4.35 -9.59 10.04
N LEU A 42 3.60 -9.31 8.99
CA LEU A 42 2.14 -9.35 9.06
C LEU A 42 1.60 -10.73 8.66
N ASN A 43 2.52 -11.59 8.23
CA ASN A 43 2.19 -12.95 7.82
C ASN A 43 1.32 -13.03 6.57
N LEU A 44 1.86 -12.51 5.46
CA LEU A 44 1.16 -12.55 4.18
C LEU A 44 2.16 -12.80 3.06
N ASN A 45 1.76 -13.58 2.07
CA ASN A 45 2.64 -13.91 0.96
C ASN A 45 2.12 -13.31 -0.35
N ILE A 46 2.70 -13.74 -1.47
CA ILE A 46 2.31 -13.25 -2.78
C ILE A 46 0.91 -13.74 -3.13
N ASP A 47 0.16 -12.91 -3.86
CA ASP A 47 -1.19 -13.23 -4.30
C ASP A 47 -2.19 -13.20 -3.14
N ASP A 48 -1.80 -12.55 -2.05
CA ASP A 48 -2.66 -12.44 -0.89
C ASP A 48 -3.67 -11.33 -1.08
N GLU A 49 -4.87 -11.51 -0.54
CA GLU A 49 -5.92 -10.51 -0.67
C GLU A 49 -5.87 -9.52 0.49
N VAL A 50 -5.79 -8.25 0.14
CA VAL A 50 -5.74 -7.19 1.13
C VAL A 50 -6.94 -6.27 0.97
N LYS A 51 -7.54 -5.91 2.10
CA LYS A 51 -8.69 -5.03 2.09
C LYS A 51 -8.22 -3.58 2.17
N ILE A 52 -8.30 -2.88 1.05
CA ILE A 52 -7.89 -1.49 1.01
C ILE A 52 -9.03 -0.61 1.48
N ASP A 53 -8.97 -0.23 2.75
CA ASP A 53 -10.00 0.61 3.34
C ASP A 53 -9.56 2.06 3.37
N LEU A 54 -10.51 2.97 3.43
CA LEU A 54 -10.21 4.39 3.47
C LEU A 54 -10.69 4.98 4.78
N VAL A 55 -9.76 5.26 5.68
CA VAL A 55 -10.10 5.81 6.98
C VAL A 55 -9.31 7.09 7.25
N ASP A 56 -10.03 8.17 7.56
CA ASP A 56 -9.41 9.46 7.87
C ASP A 56 -8.54 9.97 6.71
N GLY A 57 -8.96 9.67 5.49
CA GLY A 57 -8.22 10.10 4.32
C GLY A 57 -6.88 9.41 4.20
N LYS A 58 -6.75 8.26 4.84
CA LYS A 58 -5.53 7.49 4.80
C LYS A 58 -5.79 6.12 4.22
N LEU A 59 -4.79 5.58 3.52
CA LEU A 59 -4.90 4.27 2.91
C LEU A 59 -4.64 3.18 3.95
N ILE A 60 -5.69 2.46 4.31
CA ILE A 60 -5.58 1.40 5.30
C ILE A 60 -5.54 0.04 4.61
N ILE A 61 -4.34 -0.48 4.43
CA ILE A 61 -4.18 -1.78 3.80
C ILE A 61 -4.19 -2.86 4.87
N GLU A 62 -5.34 -3.50 5.02
CA GLU A 62 -5.52 -4.55 6.01
C GLU A 62 -5.60 -5.92 5.32
N PRO A 63 -4.57 -6.74 5.48
CA PRO A 63 -4.53 -8.08 4.87
C PRO A 63 -5.49 -9.03 5.59
N VAL A 64 -6.09 -9.93 4.83
CA VAL A 64 -7.00 -10.92 5.39
C VAL A 64 -6.22 -11.97 6.17
N ARG A 65 -6.48 -12.05 7.46
CA ARG A 65 -5.79 -13.01 8.33
C ARG A 65 -6.02 -14.44 7.89
N LYS A 66 -4.98 -15.26 8.06
CA LYS A 66 -5.06 -16.69 7.69
C LYS A 66 -5.16 -17.53 8.95
N GLU A 67 -5.97 -17.06 9.89
CA GLU A 67 -6.17 -17.74 11.15
C GLU A 67 -7.54 -18.39 11.19
N GLY B 18 -13.81 -1.34 2.01
CA GLY B 18 -12.95 -0.98 0.85
C GLY B 18 -12.95 -2.06 -0.22
N ILE B 19 -11.97 -2.00 -1.10
CA ILE B 19 -11.85 -2.98 -2.18
C ILE B 19 -10.84 -4.07 -1.80
N HIS B 20 -10.98 -5.24 -2.41
CA HIS B 20 -10.08 -6.35 -2.14
C HIS B 20 -9.13 -6.58 -3.31
N SER B 21 -7.89 -6.19 -3.15
CA SER B 21 -6.89 -6.36 -4.19
C SER B 21 -5.86 -7.40 -3.76
N SER B 22 -4.97 -7.80 -4.65
CA SER B 22 -3.97 -8.81 -4.33
C SER B 22 -2.55 -8.26 -4.45
N VAL B 23 -1.69 -8.65 -3.52
CA VAL B 23 -0.29 -8.22 -3.53
C VAL B 23 0.49 -9.09 -4.51
N LYS B 24 0.85 -8.52 -5.64
CA LYS B 24 1.59 -9.27 -6.65
C LYS B 24 3.09 -9.03 -6.53
N ARG B 25 3.86 -9.81 -7.29
CA ARG B 25 5.31 -9.70 -7.28
C ARG B 25 5.78 -8.70 -8.33
N TRP B 26 6.33 -7.59 -7.87
CA TRP B 26 6.83 -6.55 -8.77
C TRP B 26 8.31 -6.76 -9.07
N GLY B 27 8.58 -7.63 -10.03
CA GLY B 27 9.95 -7.91 -10.41
C GLY B 27 10.62 -8.84 -9.42
N ASN B 28 11.06 -8.27 -8.30
CA ASN B 28 11.71 -9.05 -7.25
C ASN B 28 10.82 -9.10 -6.02
N SER B 29 10.70 -7.98 -5.34
CA SER B 29 9.90 -7.88 -4.14
C SER B 29 8.45 -7.51 -4.50
N PRO B 30 7.49 -7.83 -3.62
CA PRO B 30 6.07 -7.55 -3.86
C PRO B 30 5.73 -6.07 -3.78
N ALA B 31 4.49 -5.75 -4.13
CA ALA B 31 3.98 -4.38 -4.10
C ALA B 31 2.47 -4.40 -4.20
N VAL B 32 1.83 -3.38 -3.64
CA VAL B 32 0.38 -3.29 -3.67
C VAL B 32 -0.07 -2.22 -4.65
N ARG B 33 -0.85 -2.62 -5.64
CA ARG B 33 -1.36 -1.69 -6.63
C ARG B 33 -2.61 -1.01 -6.12
N ILE B 34 -2.67 0.29 -6.26
CA ILE B 34 -3.82 1.06 -5.83
C ILE B 34 -4.35 1.92 -6.97
N PRO B 35 -5.64 1.76 -7.30
CA PRO B 35 -6.30 2.50 -8.37
C PRO B 35 -5.92 3.97 -8.42
N ALA B 36 -5.63 4.47 -9.62
CA ALA B 36 -5.24 5.86 -9.82
C ALA B 36 -6.31 6.81 -9.30
N THR B 37 -7.56 6.34 -9.29
CA THR B 37 -8.68 7.13 -8.81
C THR B 37 -8.49 7.56 -7.36
N LEU B 38 -7.91 6.65 -6.56
CA LEU B 38 -7.67 6.91 -5.14
C LEU B 38 -6.54 7.93 -4.99
N MET B 39 -5.57 7.85 -5.89
CA MET B 39 -4.42 8.75 -5.86
C MET B 39 -4.87 10.19 -6.09
N GLN B 40 -5.83 10.35 -7.00
CA GLN B 40 -6.37 11.65 -7.32
C GLN B 40 -7.16 12.22 -6.15
N ALA B 41 -7.80 11.33 -5.40
CA ALA B 41 -8.61 11.73 -4.26
C ALA B 41 -7.77 12.12 -3.05
N LEU B 42 -6.64 11.45 -2.86
CA LEU B 42 -5.77 11.74 -1.72
C LEU B 42 -4.78 12.87 -1.99
N ASN B 43 -4.69 13.27 -3.25
CA ASN B 43 -3.80 14.36 -3.68
C ASN B 43 -2.33 13.94 -3.70
N LEU B 44 -2.01 12.99 -4.55
CA LEU B 44 -0.65 12.51 -4.70
C LEU B 44 -0.45 11.97 -6.11
N ASN B 45 0.79 11.87 -6.55
CA ASN B 45 1.07 11.39 -7.89
C ASN B 45 2.21 10.37 -7.89
N ILE B 46 2.72 10.06 -9.08
CA ILE B 46 3.81 9.10 -9.22
C ILE B 46 5.10 9.66 -8.64
N ASP B 47 5.85 8.78 -7.97
CA ASP B 47 7.13 9.14 -7.35
C ASP B 47 6.93 9.92 -6.06
N ASP B 48 5.74 9.82 -5.51
CA ASP B 48 5.41 10.49 -4.27
C ASP B 48 5.89 9.64 -3.10
N GLU B 49 6.59 10.25 -2.15
CA GLU B 49 7.07 9.52 -1.00
C GLU B 49 6.00 9.42 0.08
N VAL B 50 5.61 8.20 0.40
CA VAL B 50 4.58 7.98 1.40
C VAL B 50 5.20 7.45 2.69
N LYS B 51 4.65 7.86 3.81
CA LYS B 51 5.13 7.42 5.10
C LYS B 51 4.40 6.16 5.51
N ILE B 52 5.06 5.02 5.34
CA ILE B 52 4.48 3.74 5.70
C ILE B 52 4.57 3.55 7.20
N ASP B 53 3.45 3.78 7.87
CA ASP B 53 3.38 3.65 9.33
C ASP B 53 2.60 2.41 9.71
N LEU B 54 3.10 1.68 10.67
CA LEU B 54 2.42 0.48 11.14
C LEU B 54 1.69 0.76 12.45
N VAL B 55 0.43 1.16 12.33
CA VAL B 55 -0.38 1.49 13.49
C VAL B 55 -1.32 0.33 13.82
N ASP B 56 -1.22 -0.18 15.05
CA ASP B 56 -2.06 -1.29 15.52
C ASP B 56 -1.86 -2.55 14.68
N GLY B 57 -0.67 -2.67 14.08
CA GLY B 57 -0.37 -3.82 13.25
C GLY B 57 -0.99 -3.73 11.88
N LYS B 58 -1.40 -2.52 11.49
CA LYS B 58 -2.00 -2.30 10.18
C LYS B 58 -1.15 -1.38 9.34
N LEU B 59 -1.19 -1.57 8.03
CA LEU B 59 -0.41 -0.75 7.12
C LEU B 59 -1.12 0.57 6.84
N ILE B 60 -0.68 1.61 7.51
CA ILE B 60 -1.25 2.94 7.35
C ILE B 60 -0.36 3.76 6.41
N ILE B 61 -0.80 3.89 5.18
CA ILE B 61 -0.04 4.65 4.20
C ILE B 61 -0.45 6.12 4.23
N GLU B 62 0.45 6.95 4.76
CA GLU B 62 0.19 8.37 4.85
C GLU B 62 1.11 9.13 3.89
N PRO B 63 0.55 9.62 2.78
CA PRO B 63 1.32 10.36 1.78
C PRO B 63 1.72 11.73 2.29
N VAL B 64 2.92 12.17 1.94
CA VAL B 64 3.39 13.48 2.36
C VAL B 64 2.70 14.57 1.54
N ARG B 65 1.71 15.20 2.16
CA ARG B 65 0.93 16.27 1.53
C ARG B 65 1.80 17.26 0.78
N LYS B 66 1.68 17.28 -0.54
CA LYS B 66 2.45 18.19 -1.38
C LYS B 66 1.81 19.56 -1.44
N GLU B 67 1.83 20.24 -0.30
CA GLU B 67 1.25 21.57 -0.20
C GLU B 67 2.35 22.60 -0.45
N GLY A 18 7.29 7.14 10.60
CA GLY A 18 7.00 6.29 9.41
C GLY A 18 8.03 6.47 8.32
N ILE A 19 8.30 5.39 7.59
CA ILE A 19 9.27 5.42 6.52
C ILE A 19 8.71 6.16 5.30
N HIS A 20 9.54 6.95 4.65
CA HIS A 20 9.13 7.69 3.47
C HIS A 20 9.40 6.85 2.22
N SER A 21 8.39 6.64 1.41
CA SER A 21 8.53 5.84 0.19
C SER A 21 7.80 6.48 -0.98
N SER A 22 8.39 6.37 -2.18
CA SER A 22 7.79 6.92 -3.37
C SER A 22 6.97 5.89 -4.13
N VAL A 23 5.71 6.20 -4.40
CA VAL A 23 4.83 5.30 -5.11
C VAL A 23 5.14 5.34 -6.61
N LYS A 24 5.66 4.23 -7.12
CA LYS A 24 6.03 4.15 -8.53
C LYS A 24 4.88 3.62 -9.39
N ARG A 25 5.10 3.56 -10.70
CA ARG A 25 4.09 3.11 -11.63
C ARG A 25 4.30 1.66 -12.06
N TRP A 26 3.35 0.82 -11.72
CA TRP A 26 3.41 -0.60 -12.08
C TRP A 26 2.72 -0.79 -13.43
N GLY A 27 3.46 -0.56 -14.50
CA GLY A 27 2.91 -0.69 -15.83
C GLY A 27 2.11 0.54 -16.21
N ASN A 28 1.01 0.74 -15.51
CA ASN A 28 0.14 1.89 -15.74
C ASN A 28 -0.44 2.38 -14.41
N SER A 29 -0.82 1.44 -13.57
CA SER A 29 -1.37 1.76 -12.26
C SER A 29 -0.27 1.82 -11.21
N PRO A 30 -0.29 2.83 -10.34
CA PRO A 30 0.71 2.99 -9.27
C PRO A 30 0.66 1.84 -8.26
N ALA A 31 1.80 1.55 -7.65
CA ALA A 31 1.87 0.48 -6.67
C ALA A 31 2.80 0.83 -5.51
N VAL A 32 2.38 0.46 -4.31
CA VAL A 32 3.16 0.72 -3.11
C VAL A 32 4.01 -0.51 -2.78
N ARG A 33 5.32 -0.36 -2.92
CA ARG A 33 6.25 -1.45 -2.63
C ARG A 33 6.23 -1.80 -1.15
N ILE A 34 6.02 -3.07 -0.85
CA ILE A 34 5.96 -3.52 0.53
C ILE A 34 7.24 -4.29 0.89
N PRO A 35 7.96 -3.83 1.91
CA PRO A 35 9.20 -4.46 2.35
C PRO A 35 9.00 -5.94 2.68
N ALA A 36 9.79 -6.79 2.04
CA ALA A 36 9.73 -8.23 2.26
C ALA A 36 9.98 -8.57 3.72
N THR A 37 10.78 -7.73 4.37
CA THR A 37 11.12 -7.90 5.77
C THR A 37 9.87 -7.69 6.62
N LEU A 38 9.07 -6.68 6.25
CA LEU A 38 7.83 -6.37 6.97
C LEU A 38 6.78 -7.44 6.69
N MET A 39 6.83 -8.00 5.49
CA MET A 39 5.89 -9.05 5.08
C MET A 39 6.02 -10.24 6.03
N GLN A 40 7.28 -10.59 6.32
CA GLN A 40 7.57 -11.70 7.22
C GLN A 40 7.19 -11.35 8.66
N ALA A 41 7.32 -10.07 9.00
CA ALA A 41 7.00 -9.60 10.34
C ALA A 41 5.49 -9.64 10.59
N LEU A 42 4.72 -9.08 9.66
CA LEU A 42 3.26 -9.05 9.77
C LEU A 42 2.68 -10.44 9.60
N ASN A 43 3.48 -11.35 9.03
CA ASN A 43 3.10 -12.74 8.80
C ASN A 43 2.12 -12.90 7.63
N LEU A 44 2.55 -12.49 6.45
CA LEU A 44 1.74 -12.63 5.25
C LEU A 44 2.60 -13.03 4.07
N ASN A 45 1.98 -13.55 3.02
CA ASN A 45 2.73 -14.00 1.86
C ASN A 45 2.20 -13.33 0.59
N ILE A 46 2.85 -13.60 -0.54
CA ILE A 46 2.45 -13.03 -1.82
C ILE A 46 1.05 -13.50 -2.20
N ASP A 47 0.30 -12.62 -2.87
CA ASP A 47 -1.06 -12.92 -3.31
C ASP A 47 -2.05 -12.91 -2.16
N ASP A 48 -1.69 -12.26 -1.06
CA ASP A 48 -2.57 -12.16 0.10
C ASP A 48 -3.66 -11.12 -0.17
N GLU A 49 -4.88 -11.41 0.23
CA GLU A 49 -5.99 -10.50 0.02
C GLU A 49 -6.09 -9.47 1.14
N VAL A 50 -5.60 -8.27 0.86
CA VAL A 50 -5.65 -7.20 1.83
C VAL A 50 -6.88 -6.33 1.62
N LYS A 51 -7.53 -5.97 2.70
CA LYS A 51 -8.72 -5.15 2.65
C LYS A 51 -8.35 -3.67 2.75
N ILE A 52 -8.23 -3.03 1.59
CA ILE A 52 -7.88 -1.62 1.53
C ILE A 52 -9.06 -0.78 2.00
N ASP A 53 -8.91 -0.17 3.17
CA ASP A 53 -9.96 0.67 3.73
C ASP A 53 -9.54 2.13 3.72
N LEU A 54 -10.51 3.02 3.56
CA LEU A 54 -10.23 4.45 3.53
C LEU A 54 -10.66 5.11 4.83
N VAL A 55 -9.71 5.35 5.71
CA VAL A 55 -10.00 5.96 7.00
C VAL A 55 -9.17 7.24 7.17
N ASP A 56 -9.87 8.36 7.37
CA ASP A 56 -9.24 9.67 7.57
C ASP A 56 -8.44 10.10 6.34
N GLY A 57 -8.79 9.57 5.18
CA GLY A 57 -8.09 9.91 3.95
C GLY A 57 -6.76 9.18 3.86
N LYS A 58 -6.62 8.13 4.66
CA LYS A 58 -5.39 7.34 4.67
C LYS A 58 -5.69 5.91 4.23
N LEU A 59 -4.71 5.27 3.63
CA LEU A 59 -4.88 3.91 3.14
C LEU A 59 -4.55 2.91 4.25
N ILE A 60 -5.59 2.26 4.76
CA ILE A 60 -5.43 1.27 5.81
C ILE A 60 -5.31 -0.11 5.19
N ILE A 61 -4.10 -0.66 5.22
CA ILE A 61 -3.84 -1.98 4.65
C ILE A 61 -3.96 -3.07 5.71
N GLU A 62 -5.08 -3.78 5.69
CA GLU A 62 -5.32 -4.86 6.63
C GLU A 62 -5.47 -6.18 5.89
N PRO A 63 -4.50 -7.10 6.04
CA PRO A 63 -4.53 -8.41 5.37
C PRO A 63 -5.68 -9.29 5.87
N VAL A 64 -6.46 -9.82 4.94
CA VAL A 64 -7.58 -10.68 5.29
C VAL A 64 -7.18 -12.13 5.10
N ARG A 65 -6.76 -12.75 6.19
CA ARG A 65 -6.33 -14.14 6.19
C ARG A 65 -7.49 -15.08 5.87
N LYS A 66 -7.57 -15.50 4.61
CA LYS A 66 -8.61 -16.42 4.18
C LYS A 66 -8.31 -17.82 4.68
N GLU A 67 -8.78 -18.12 5.87
CA GLU A 67 -8.57 -19.43 6.48
C GLU A 67 -9.83 -20.27 6.41
N GLY B 18 -13.72 -2.27 3.19
CA GLY B 18 -12.93 -1.71 2.07
C GLY B 18 -12.93 -2.60 0.86
N ILE B 19 -11.92 -2.45 0.02
CA ILE B 19 -11.80 -3.27 -1.19
C ILE B 19 -10.75 -4.35 -0.98
N HIS B 20 -11.13 -5.59 -1.25
CA HIS B 20 -10.22 -6.72 -1.09
C HIS B 20 -9.36 -6.93 -2.33
N SER B 21 -8.07 -6.64 -2.21
CA SER B 21 -7.13 -6.79 -3.32
C SER B 21 -5.93 -7.62 -2.89
N SER B 22 -5.38 -8.41 -3.80
CA SER B 22 -4.23 -9.25 -3.49
C SER B 22 -2.91 -8.54 -3.75
N VAL B 23 -2.00 -8.62 -2.77
CA VAL B 23 -0.67 -8.02 -2.89
C VAL B 23 0.19 -8.90 -3.78
N LYS B 24 0.37 -8.48 -5.03
CA LYS B 24 1.16 -9.24 -5.98
C LYS B 24 2.64 -8.92 -5.85
N ARG B 25 3.46 -9.66 -6.58
CA ARG B 25 4.90 -9.47 -6.55
C ARG B 25 5.35 -8.64 -7.74
N TRP B 26 5.92 -7.48 -7.46
CA TRP B 26 6.39 -6.59 -8.50
C TRP B 26 7.84 -6.89 -8.88
N GLY B 27 8.03 -7.89 -9.71
CA GLY B 27 9.36 -8.27 -10.15
C GLY B 27 10.11 -9.04 -9.08
N ASN B 28 10.42 -8.39 -7.98
CA ASN B 28 11.14 -9.01 -6.88
C ASN B 28 10.37 -8.84 -5.57
N SER B 29 10.24 -7.59 -5.14
CA SER B 29 9.52 -7.28 -3.91
C SER B 29 8.03 -7.10 -4.18
N PRO B 30 7.17 -7.43 -3.21
CA PRO B 30 5.72 -7.30 -3.35
C PRO B 30 5.29 -5.84 -3.38
N ALA B 31 4.14 -5.57 -3.99
CA ALA B 31 3.63 -4.20 -4.07
C ALA B 31 2.11 -4.20 -4.12
N VAL B 32 1.51 -3.29 -3.36
CA VAL B 32 0.06 -3.16 -3.33
C VAL B 32 -0.36 -2.23 -4.45
N ARG B 33 -1.07 -2.78 -5.44
CA ARG B 33 -1.54 -1.99 -6.57
C ARG B 33 -2.67 -1.06 -6.15
N ILE B 34 -2.46 0.23 -6.33
CA ILE B 34 -3.47 1.22 -5.98
C ILE B 34 -4.08 1.79 -7.24
N PRO B 35 -5.36 1.50 -7.49
CA PRO B 35 -6.07 1.99 -8.68
C PRO B 35 -5.96 3.51 -8.82
N ALA B 36 -5.80 3.98 -10.06
CA ALA B 36 -5.69 5.40 -10.34
C ALA B 36 -6.93 6.16 -9.90
N THR B 37 -8.03 5.42 -9.80
CA THR B 37 -9.30 5.98 -9.36
C THR B 37 -9.19 6.53 -7.94
N LEU B 38 -8.53 5.76 -7.08
CA LEU B 38 -8.35 6.15 -5.68
C LEU B 38 -7.28 7.24 -5.55
N MET B 39 -6.30 7.20 -6.44
CA MET B 39 -5.21 8.17 -6.44
C MET B 39 -5.75 9.58 -6.62
N GLN B 40 -6.79 9.70 -7.43
CA GLN B 40 -7.41 11.00 -7.70
C GLN B 40 -8.40 11.39 -6.62
N ALA B 41 -8.66 10.48 -5.69
CA ALA B 41 -9.57 10.74 -4.59
C ALA B 41 -8.84 11.36 -3.40
N LEU B 42 -7.60 10.93 -3.21
CA LEU B 42 -6.77 11.44 -2.13
C LEU B 42 -5.91 12.60 -2.63
N ASN B 43 -5.81 12.72 -3.96
CA ASN B 43 -5.04 13.76 -4.62
C ASN B 43 -3.54 13.58 -4.45
N LEU B 44 -3.04 12.45 -4.93
CA LEU B 44 -1.62 12.15 -4.89
C LEU B 44 -1.14 11.73 -6.27
N ASN B 45 0.12 11.99 -6.57
CA ASN B 45 0.66 11.67 -7.89
C ASN B 45 1.71 10.57 -7.85
N ILE B 46 2.36 10.36 -8.99
CA ILE B 46 3.40 9.35 -9.10
C ILE B 46 4.68 9.89 -8.46
N ASP B 47 5.39 9.01 -7.76
CA ASP B 47 6.64 9.36 -7.08
C ASP B 47 6.38 10.15 -5.81
N ASP B 48 5.11 10.22 -5.41
CA ASP B 48 4.71 10.92 -4.20
C ASP B 48 5.27 10.18 -2.99
N GLU B 49 6.01 10.88 -2.18
CA GLU B 49 6.62 10.27 -0.99
C GLU B 49 5.65 10.18 0.17
N VAL B 50 5.06 9.00 0.33
CA VAL B 50 4.10 8.77 1.39
C VAL B 50 4.80 8.25 2.64
N LYS B 51 4.10 8.31 3.76
CA LYS B 51 4.63 7.85 5.02
C LYS B 51 4.01 6.51 5.42
N ILE B 52 4.86 5.51 5.58
CA ILE B 52 4.40 4.18 5.96
C ILE B 52 4.72 3.94 7.43
N ASP B 53 3.70 3.93 8.27
CA ASP B 53 3.89 3.71 9.69
C ASP B 53 3.15 2.46 10.16
N LEU B 54 3.63 1.86 11.23
CA LEU B 54 3.01 0.67 11.78
C LEU B 54 2.12 1.02 12.96
N VAL B 55 0.83 1.15 12.69
CA VAL B 55 -0.14 1.50 13.73
C VAL B 55 -1.24 0.44 13.79
N ASP B 56 -1.59 0.03 15.01
CA ASP B 56 -2.64 -0.97 15.24
C ASP B 56 -2.23 -2.34 14.68
N GLY B 57 -0.96 -2.49 14.34
CA GLY B 57 -0.47 -3.75 13.81
C GLY B 57 -0.77 -3.89 12.33
N LYS B 58 -0.91 -2.77 11.63
CA LYS B 58 -1.18 -2.80 10.21
C LYS B 58 -0.47 -1.66 9.51
N LEU B 59 -0.46 -1.70 8.18
CA LEU B 59 0.21 -0.68 7.38
C LEU B 59 -0.66 0.54 7.19
N ILE B 60 -0.27 1.64 7.81
CA ILE B 60 -1.01 2.88 7.70
C ILE B 60 -0.30 3.80 6.70
N ILE B 61 -0.88 3.92 5.52
CA ILE B 61 -0.30 4.75 4.48
C ILE B 61 -0.81 6.18 4.57
N GLU B 62 0.00 7.05 5.14
CA GLU B 62 -0.36 8.45 5.28
C GLU B 62 0.39 9.27 4.23
N PRO B 63 -0.34 9.89 3.28
CA PRO B 63 0.26 10.71 2.22
C PRO B 63 0.89 11.98 2.78
N VAL B 64 2.13 12.25 2.36
CA VAL B 64 2.84 13.44 2.81
C VAL B 64 3.24 14.29 1.61
N ARG B 65 2.72 15.51 1.55
CA ARG B 65 3.05 16.41 0.46
C ARG B 65 4.31 17.19 0.77
N LYS B 66 5.30 17.10 -0.12
CA LYS B 66 6.55 17.81 0.07
C LYS B 66 6.37 19.28 -0.34
N GLU B 67 5.78 20.06 0.55
CA GLU B 67 5.54 21.47 0.30
C GLU B 67 6.20 22.33 1.36
N GLY A 18 7.23 6.87 10.05
CA GLY A 18 7.60 5.51 9.60
C GLY A 18 8.66 5.54 8.52
N ILE A 19 8.55 4.63 7.56
CA ILE A 19 9.51 4.58 6.46
C ILE A 19 8.98 5.38 5.27
N HIS A 20 9.87 6.08 4.60
CA HIS A 20 9.51 6.89 3.45
C HIS A 20 9.63 6.09 2.14
N SER A 21 8.58 6.14 1.34
CA SER A 21 8.56 5.46 0.06
C SER A 21 7.69 6.24 -0.92
N SER A 22 7.81 5.95 -2.20
CA SER A 22 7.04 6.64 -3.21
C SER A 22 6.20 5.68 -4.04
N VAL A 23 4.95 6.04 -4.28
CA VAL A 23 4.06 5.20 -5.08
C VAL A 23 4.38 5.39 -6.55
N LYS A 24 5.09 4.42 -7.12
CA LYS A 24 5.47 4.47 -8.52
C LYS A 24 4.42 3.77 -9.37
N ARG A 25 4.44 4.03 -10.67
CA ARG A 25 3.49 3.42 -11.58
C ARG A 25 3.97 2.04 -11.99
N TRP A 26 3.13 1.04 -11.79
CA TRP A 26 3.47 -0.32 -12.16
C TRP A 26 2.73 -0.70 -13.44
N GLY A 27 3.32 -0.33 -14.57
CA GLY A 27 2.71 -0.62 -15.86
C GLY A 27 1.63 0.37 -16.19
N ASN A 28 0.59 0.40 -15.36
CA ASN A 28 -0.53 1.31 -15.54
C ASN A 28 -0.97 1.88 -14.20
N SER A 29 -1.47 1.02 -13.34
CA SER A 29 -1.90 1.44 -12.02
C SER A 29 -0.69 1.57 -11.07
N PRO A 30 -0.73 2.55 -10.16
CA PRO A 30 0.36 2.77 -9.20
C PRO A 30 0.38 1.67 -8.14
N ALA A 31 1.54 1.43 -7.56
CA ALA A 31 1.69 0.40 -6.54
C ALA A 31 2.71 0.78 -5.48
N VAL A 32 2.44 0.37 -4.25
CA VAL A 32 3.33 0.64 -3.14
C VAL A 32 4.19 -0.58 -2.88
N ARG A 33 5.50 -0.41 -2.92
CA ARG A 33 6.43 -1.50 -2.69
C ARG A 33 6.64 -1.74 -1.20
N ILE A 34 6.45 -2.98 -0.78
CA ILE A 34 6.62 -3.36 0.62
C ILE A 34 7.70 -4.43 0.72
N PRO A 35 8.92 -4.04 1.11
CA PRO A 35 10.05 -4.97 1.27
C PRO A 35 9.71 -6.13 2.20
N ALA A 36 10.48 -7.22 2.07
CA ALA A 36 10.27 -8.42 2.87
C ALA A 36 10.20 -8.16 4.38
N THR A 37 10.87 -7.12 4.84
CA THR A 37 10.90 -6.77 6.25
C THR A 37 9.49 -6.53 6.82
N LEU A 38 8.71 -5.72 6.13
CA LEU A 38 7.35 -5.40 6.58
C LEU A 38 6.41 -6.58 6.41
N MET A 39 6.67 -7.36 5.36
CA MET A 39 5.85 -8.54 5.08
C MET A 39 5.92 -9.54 6.23
N GLN A 40 7.14 -9.74 6.73
CA GLN A 40 7.36 -10.67 7.83
C GLN A 40 6.88 -10.06 9.14
N ALA A 41 6.84 -8.73 9.20
CA ALA A 41 6.41 -8.01 10.39
C ALA A 41 4.94 -8.30 10.69
N LEU A 42 4.12 -8.32 9.64
CA LEU A 42 2.70 -8.59 9.81
C LEU A 42 2.40 -10.07 9.61
N ASN A 43 3.38 -10.78 9.09
CA ASN A 43 3.29 -12.22 8.83
C ASN A 43 2.32 -12.53 7.68
N LEU A 44 2.53 -11.86 6.55
CA LEU A 44 1.70 -12.06 5.36
C LEU A 44 2.57 -12.52 4.19
N ASN A 45 1.95 -13.14 3.19
CA ASN A 45 2.72 -13.62 2.05
C ASN A 45 2.22 -12.99 0.74
N ILE A 46 2.65 -13.56 -0.37
CA ILE A 46 2.28 -13.05 -1.69
C ILE A 46 0.86 -13.49 -2.04
N ASP A 47 0.18 -12.66 -2.83
CA ASP A 47 -1.20 -12.92 -3.27
C ASP A 47 -2.19 -12.83 -2.11
N ASP A 48 -1.76 -12.16 -1.05
CA ASP A 48 -2.60 -11.97 0.13
C ASP A 48 -3.67 -10.93 -0.16
N GLU A 49 -4.85 -11.11 0.42
CA GLU A 49 -5.95 -10.20 0.19
C GLU A 49 -6.01 -9.11 1.24
N VAL A 50 -5.47 -7.95 0.90
CA VAL A 50 -5.46 -6.81 1.79
C VAL A 50 -6.66 -5.91 1.50
N LYS A 51 -7.25 -5.36 2.55
CA LYS A 51 -8.39 -4.48 2.41
C LYS A 51 -7.94 -3.03 2.44
N ILE A 52 -8.22 -2.30 1.38
CA ILE A 52 -7.84 -0.90 1.30
C ILE A 52 -9.04 -0.02 1.63
N ASP A 53 -8.97 0.65 2.76
CA ASP A 53 -10.05 1.54 3.19
C ASP A 53 -9.52 2.96 3.36
N LEU A 54 -10.43 3.92 3.50
CA LEU A 54 -10.06 5.32 3.65
C LEU A 54 -10.37 5.86 5.03
N VAL A 55 -10.10 5.04 6.05
CA VAL A 55 -10.37 5.43 7.43
C VAL A 55 -9.40 6.52 7.86
N ASP A 56 -9.95 7.57 8.46
CA ASP A 56 -9.17 8.73 8.95
C ASP A 56 -8.59 9.56 7.81
N GLY A 57 -9.00 9.25 6.59
CA GLY A 57 -8.51 9.99 5.44
C GLY A 57 -7.16 9.51 4.94
N LYS A 58 -6.83 8.27 5.23
CA LYS A 58 -5.55 7.71 4.79
C LYS A 58 -5.76 6.30 4.26
N LEU A 59 -4.72 5.74 3.65
CA LEU A 59 -4.80 4.41 3.09
C LEU A 59 -4.61 3.36 4.17
N ILE A 60 -5.71 2.77 4.61
CA ILE A 60 -5.67 1.74 5.62
C ILE A 60 -5.48 0.39 4.95
N ILE A 61 -4.29 -0.17 5.08
CA ILE A 61 -4.00 -1.46 4.47
C ILE A 61 -3.93 -2.56 5.52
N GLU A 62 -5.01 -3.31 5.66
CA GLU A 62 -5.05 -4.40 6.61
C GLU A 62 -5.34 -5.74 5.92
N PRO A 63 -4.44 -6.71 6.07
CA PRO A 63 -4.58 -8.04 5.46
C PRO A 63 -5.51 -8.93 6.27
N VAL A 64 -6.10 -9.92 5.61
CA VAL A 64 -7.01 -10.85 6.26
C VAL A 64 -6.85 -12.26 5.70
N ARG A 65 -6.75 -13.23 6.60
CA ARG A 65 -6.61 -14.62 6.19
C ARG A 65 -7.93 -15.19 5.73
N LYS A 66 -8.05 -15.43 4.43
CA LYS A 66 -9.27 -15.98 3.87
C LYS A 66 -9.28 -17.50 3.98
N GLU A 67 -9.74 -17.99 5.12
CA GLU A 67 -9.79 -19.42 5.35
C GLU A 67 -11.25 -19.88 5.41
N GLY B 18 -13.86 -1.22 2.55
CA GLY B 18 -12.61 -1.25 1.76
C GLY B 18 -12.65 -2.30 0.67
N ILE B 19 -11.88 -2.08 -0.39
CA ILE B 19 -11.82 -3.01 -1.51
C ILE B 19 -10.73 -4.05 -1.24
N HIS B 20 -10.92 -5.26 -1.73
CA HIS B 20 -9.94 -6.33 -1.54
C HIS B 20 -9.01 -6.43 -2.75
N SER B 21 -7.71 -6.45 -2.47
CA SER B 21 -6.70 -6.55 -3.52
C SER B 21 -5.65 -7.58 -3.14
N SER B 22 -4.96 -8.13 -4.13
CA SER B 22 -3.93 -9.12 -3.87
C SER B 22 -2.53 -8.55 -4.02
N VAL B 23 -1.70 -8.76 -3.01
CA VAL B 23 -0.32 -8.29 -3.05
C VAL B 23 0.46 -9.08 -4.10
N LYS B 24 0.84 -8.42 -5.17
CA LYS B 24 1.56 -9.08 -6.25
C LYS B 24 3.07 -8.87 -6.16
N ARG B 25 3.80 -9.43 -7.12
CA ARG B 25 5.25 -9.33 -7.15
C ARG B 25 5.75 -8.36 -8.21
N TRP B 26 6.35 -7.27 -7.75
CA TRP B 26 6.90 -6.27 -8.65
C TRP B 26 8.35 -6.65 -8.93
N GLY B 27 8.53 -7.61 -9.83
CA GLY B 27 9.85 -8.08 -10.17
C GLY B 27 10.34 -9.08 -9.13
N ASN B 28 10.33 -8.65 -7.87
CA ASN B 28 10.74 -9.48 -6.76
C ASN B 28 10.02 -9.04 -5.50
N SER B 29 10.11 -7.75 -5.23
CA SER B 29 9.49 -7.15 -4.06
C SER B 29 7.97 -7.13 -4.16
N PRO B 30 7.28 -7.42 -3.05
CA PRO B 30 5.82 -7.40 -2.98
C PRO B 30 5.30 -5.98 -3.18
N ALA B 31 4.30 -5.84 -4.03
CA ALA B 31 3.73 -4.52 -4.29
C ALA B 31 2.22 -4.52 -4.16
N VAL B 32 1.72 -3.52 -3.45
CA VAL B 32 0.29 -3.36 -3.25
C VAL B 32 -0.28 -2.43 -4.31
N ARG B 33 -1.11 -2.98 -5.18
CA ARG B 33 -1.71 -2.20 -6.25
C ARG B 33 -2.73 -1.23 -5.70
N ILE B 34 -2.53 0.06 -5.98
CA ILE B 34 -3.43 1.09 -5.50
C ILE B 34 -4.27 1.62 -6.66
N PRO B 35 -5.60 1.46 -6.57
CA PRO B 35 -6.52 1.92 -7.61
C PRO B 35 -6.27 3.37 -8.00
N ALA B 36 -6.04 3.60 -9.29
CA ALA B 36 -5.78 4.94 -9.81
C ALA B 36 -6.94 5.88 -9.48
N THR B 37 -8.13 5.33 -9.41
CA THR B 37 -9.32 6.09 -9.10
C THR B 37 -9.27 6.60 -7.65
N LEU B 38 -8.79 5.76 -6.75
CA LEU B 38 -8.69 6.12 -5.34
C LEU B 38 -7.57 7.13 -5.10
N MET B 39 -6.57 7.10 -5.97
CA MET B 39 -5.44 8.02 -5.87
C MET B 39 -5.94 9.46 -6.06
N GLN B 40 -7.04 9.58 -6.80
CA GLN B 40 -7.63 10.88 -7.08
C GLN B 40 -8.54 11.33 -5.93
N ALA B 41 -8.81 10.43 -5.00
CA ALA B 41 -9.65 10.74 -3.86
C ALA B 41 -8.85 11.46 -2.78
N LEU B 42 -7.60 11.02 -2.59
CA LEU B 42 -6.72 11.65 -1.61
C LEU B 42 -5.93 12.78 -2.28
N ASN B 43 -6.06 12.85 -3.59
CA ASN B 43 -5.40 13.86 -4.42
C ASN B 43 -3.88 13.74 -4.40
N LEU B 44 -3.39 12.59 -4.85
CA LEU B 44 -1.96 12.37 -4.92
C LEU B 44 -1.61 11.81 -6.29
N ASN B 45 -0.42 12.12 -6.77
CA ASN B 45 0.00 11.67 -8.09
C ASN B 45 1.07 10.59 -7.98
N ILE B 46 1.64 10.20 -9.10
CA ILE B 46 2.68 9.18 -9.12
C ILE B 46 3.98 9.79 -8.62
N ASP B 47 4.82 8.97 -7.98
CA ASP B 47 6.12 9.40 -7.45
C ASP B 47 5.93 10.19 -6.15
N ASP B 48 4.70 10.25 -5.68
CA ASP B 48 4.38 10.96 -4.45
C ASP B 48 4.89 10.19 -3.24
N GLU B 49 5.55 10.90 -2.33
CA GLU B 49 6.09 10.28 -1.13
C GLU B 49 4.98 9.95 -0.14
N VAL B 50 4.98 8.73 0.34
CA VAL B 50 3.99 8.28 1.30
C VAL B 50 4.67 7.76 2.56
N LYS B 51 4.04 8.01 3.69
CA LYS B 51 4.56 7.57 4.98
C LYS B 51 4.01 6.21 5.34
N ILE B 52 4.87 5.21 5.37
CA ILE B 52 4.46 3.87 5.73
C ILE B 52 4.67 3.65 7.22
N ASP B 53 3.59 3.72 7.98
CA ASP B 53 3.66 3.54 9.41
C ASP B 53 2.91 2.29 9.85
N LEU B 54 3.59 1.48 10.66
CA LEU B 54 2.99 0.25 11.16
C LEU B 54 2.29 0.51 12.49
N VAL B 55 1.13 1.13 12.41
CA VAL B 55 0.36 1.47 13.60
C VAL B 55 -0.90 0.60 13.70
N ASP B 56 -1.14 0.08 14.90
CA ASP B 56 -2.31 -0.75 15.19
C ASP B 56 -2.27 -2.10 14.47
N GLY B 57 -1.08 -2.54 14.14
CA GLY B 57 -0.92 -3.82 13.48
C GLY B 57 -1.35 -3.80 12.02
N LYS B 58 -1.45 -2.60 11.45
CA LYS B 58 -1.84 -2.46 10.05
C LYS B 58 -0.98 -1.41 9.36
N LEU B 59 -1.02 -1.39 8.04
CA LEU B 59 -0.24 -0.45 7.27
C LEU B 59 -0.97 0.88 7.12
N ILE B 60 -0.48 1.90 7.81
CA ILE B 60 -1.07 3.22 7.73
C ILE B 60 -0.30 4.03 6.70
N ILE B 61 -0.87 4.18 5.52
CA ILE B 61 -0.22 4.94 4.46
C ILE B 61 -0.75 6.37 4.42
N GLU B 62 0.11 7.30 4.78
CA GLU B 62 -0.25 8.71 4.78
C GLU B 62 0.51 9.47 3.68
N PRO B 63 -0.21 10.21 2.83
CA PRO B 63 0.40 10.98 1.75
C PRO B 63 1.23 12.14 2.29
N VAL B 64 2.49 12.23 1.85
CA VAL B 64 3.38 13.29 2.31
C VAL B 64 3.59 14.33 1.22
N ARG B 65 3.07 15.53 1.46
CA ARG B 65 3.21 16.62 0.50
C ARG B 65 4.57 17.31 0.65
N LYS B 66 5.33 17.35 -0.43
CA LYS B 66 6.64 17.96 -0.41
C LYS B 66 6.59 19.45 -0.74
N GLU B 67 6.41 20.25 0.30
CA GLU B 67 6.34 21.69 0.16
C GLU B 67 7.19 22.35 1.23
N GLY A 18 8.01 6.00 11.03
CA GLY A 18 7.42 5.96 9.67
C GLY A 18 8.47 5.75 8.60
N ILE A 19 8.21 4.82 7.70
CA ILE A 19 9.14 4.51 6.62
C ILE A 19 8.80 5.32 5.37
N HIS A 20 9.77 6.08 4.88
CA HIS A 20 9.54 6.90 3.71
C HIS A 20 9.93 6.15 2.45
N SER A 21 8.92 5.76 1.68
CA SER A 21 9.14 5.03 0.44
C SER A 21 8.53 5.78 -0.74
N SER A 22 9.21 5.73 -1.87
CA SER A 22 8.75 6.40 -3.08
C SER A 22 7.80 5.50 -3.87
N VAL A 23 6.73 6.07 -4.39
CA VAL A 23 5.75 5.31 -5.15
C VAL A 23 6.05 5.39 -6.65
N LYS A 24 6.06 4.23 -7.30
CA LYS A 24 6.33 4.17 -8.73
C LYS A 24 5.15 3.58 -9.49
N ARG A 25 5.24 3.58 -10.81
CA ARG A 25 4.19 3.06 -11.66
C ARG A 25 4.47 1.61 -12.06
N TRP A 26 3.45 0.76 -11.91
CA TRP A 26 3.59 -0.64 -12.26
C TRP A 26 2.89 -0.89 -13.60
N GLY A 27 3.59 -0.62 -14.68
CA GLY A 27 3.05 -0.81 -16.00
C GLY A 27 2.22 0.40 -16.42
N ASN A 28 0.96 0.42 -15.98
CA ASN A 28 0.07 1.52 -16.29
C ASN A 28 -0.40 2.20 -15.00
N SER A 29 -0.91 1.39 -14.08
CA SER A 29 -1.39 1.89 -12.80
C SER A 29 -0.26 1.86 -11.77
N PRO A 30 -0.24 2.80 -10.83
CA PRO A 30 0.79 2.88 -9.79
C PRO A 30 0.69 1.73 -8.78
N ALA A 31 1.73 1.58 -7.97
CA ALA A 31 1.76 0.54 -6.96
C ALA A 31 2.80 0.86 -5.89
N VAL A 32 2.40 0.75 -4.63
CA VAL A 32 3.29 1.04 -3.52
C VAL A 32 4.11 -0.21 -3.20
N ARG A 33 5.43 -0.10 -3.38
CA ARG A 33 6.32 -1.22 -3.11
C ARG A 33 6.56 -1.36 -1.61
N ILE A 34 6.32 -2.54 -1.09
CA ILE A 34 6.52 -2.79 0.34
C ILE A 34 7.54 -3.91 0.53
N PRO A 35 8.60 -3.63 1.32
CA PRO A 35 9.67 -4.57 1.61
C PRO A 35 9.14 -5.95 1.99
N ALA A 36 9.71 -6.98 1.37
CA ALA A 36 9.30 -8.36 1.63
C ALA A 36 9.47 -8.71 3.11
N THR A 37 10.44 -8.06 3.74
CA THR A 37 10.72 -8.27 5.15
C THR A 37 9.53 -7.81 6.01
N LEU A 38 8.84 -6.77 5.55
CA LEU A 38 7.69 -6.23 6.27
C LEU A 38 6.48 -7.13 6.09
N MET A 39 6.42 -7.82 4.95
CA MET A 39 5.31 -8.74 4.66
C MET A 39 5.31 -9.89 5.65
N GLN A 40 6.51 -10.33 6.03
CA GLN A 40 6.67 -11.42 6.97
C GLN A 40 6.14 -11.05 8.35
N ALA A 41 6.20 -9.76 8.66
CA ALA A 41 5.71 -9.25 9.93
C ALA A 41 4.19 -9.25 9.98
N LEU A 42 3.57 -9.36 8.81
CA LEU A 42 2.11 -9.38 8.71
C LEU A 42 1.63 -10.80 8.46
N ASN A 43 2.58 -11.72 8.30
CA ASN A 43 2.29 -13.14 8.06
C ASN A 43 1.60 -13.41 6.72
N LEU A 44 1.52 -12.40 5.86
CA LEU A 44 0.87 -12.58 4.56
C LEU A 44 1.90 -12.99 3.50
N ASN A 45 1.42 -13.46 2.37
CA ASN A 45 2.31 -13.91 1.30
C ASN A 45 1.94 -13.25 -0.02
N ILE A 46 2.59 -13.69 -1.10
CA ILE A 46 2.33 -13.15 -2.44
C ILE A 46 1.01 -13.70 -2.97
N ASP A 47 0.32 -12.88 -3.76
CA ASP A 47 -0.96 -13.25 -4.37
C ASP A 47 -2.10 -13.19 -3.36
N ASP A 48 -1.78 -12.76 -2.15
CA ASP A 48 -2.78 -12.64 -1.09
C ASP A 48 -3.67 -11.42 -1.33
N GLU A 49 -4.79 -11.36 -0.62
CA GLU A 49 -5.73 -10.26 -0.77
C GLU A 49 -5.69 -9.34 0.45
N VAL A 50 -5.76 -8.04 0.18
CA VAL A 50 -5.74 -7.06 1.25
C VAL A 50 -6.98 -6.17 1.19
N LYS A 51 -7.57 -5.92 2.33
CA LYS A 51 -8.75 -5.08 2.42
C LYS A 51 -8.34 -3.63 2.62
N ILE A 52 -8.33 -2.88 1.53
CA ILE A 52 -7.97 -1.47 1.57
C ILE A 52 -9.13 -0.64 2.11
N ASP A 53 -8.95 -0.10 3.30
CA ASP A 53 -9.98 0.71 3.93
C ASP A 53 -9.55 2.17 3.92
N LEU A 54 -10.43 3.03 3.41
CA LEU A 54 -10.14 4.45 3.35
C LEU A 54 -10.64 5.11 4.62
N VAL A 55 -9.82 5.08 5.66
CA VAL A 55 -10.18 5.66 6.94
C VAL A 55 -9.38 6.92 7.22
N ASP A 56 -10.09 8.00 7.57
CA ASP A 56 -9.47 9.28 7.90
C ASP A 56 -8.69 9.87 6.74
N GLY A 57 -8.99 9.43 5.53
CA GLY A 57 -8.31 9.92 4.36
C GLY A 57 -6.96 9.26 4.14
N LYS A 58 -6.72 8.16 4.86
CA LYS A 58 -5.47 7.44 4.74
C LYS A 58 -5.72 6.04 4.21
N LEU A 59 -4.76 5.50 3.50
CA LEU A 59 -4.87 4.17 2.95
C LEU A 59 -4.53 3.13 4.00
N ILE A 60 -5.55 2.57 4.62
CA ILE A 60 -5.37 1.57 5.65
C ILE A 60 -5.44 0.19 5.00
N ILE A 61 -4.29 -0.37 4.68
CA ILE A 61 -4.24 -1.68 4.07
C ILE A 61 -4.23 -2.77 5.13
N GLU A 62 -5.35 -3.49 5.24
CA GLU A 62 -5.47 -4.56 6.21
C GLU A 62 -5.57 -5.90 5.48
N PRO A 63 -4.48 -6.69 5.51
CA PRO A 63 -4.44 -7.99 4.85
C PRO A 63 -5.41 -8.97 5.48
N VAL A 64 -6.00 -9.84 4.66
CA VAL A 64 -6.95 -10.82 5.16
C VAL A 64 -6.21 -11.90 5.94
N ARG A 65 -6.39 -11.86 7.26
CA ARG A 65 -5.77 -12.81 8.16
C ARG A 65 -6.06 -14.25 7.76
N LYS A 66 -5.01 -15.07 7.75
CA LYS A 66 -5.13 -16.47 7.41
C LYS A 66 -5.47 -17.28 8.65
N GLU A 67 -6.77 -17.42 8.92
CA GLU A 67 -7.23 -18.15 10.08
C GLU A 67 -8.11 -19.31 9.66
N GLY B 18 -15.41 -1.60 0.50
CA GLY B 18 -13.96 -1.84 0.64
C GLY B 18 -13.37 -2.45 -0.61
N ILE B 19 -12.09 -2.24 -0.82
CA ILE B 19 -11.42 -2.77 -2.00
C ILE B 19 -10.46 -3.89 -1.63
N HIS B 20 -10.71 -5.08 -2.16
CA HIS B 20 -9.85 -6.23 -1.90
C HIS B 20 -8.90 -6.45 -3.07
N SER B 21 -7.75 -5.80 -3.01
CA SER B 21 -6.75 -5.92 -4.06
C SER B 21 -5.79 -7.06 -3.75
N SER B 22 -5.17 -7.60 -4.79
CA SER B 22 -4.23 -8.70 -4.64
C SER B 22 -2.80 -8.18 -4.62
N VAL B 23 -2.01 -8.65 -3.66
CA VAL B 23 -0.61 -8.25 -3.54
C VAL B 23 0.24 -9.10 -4.48
N LYS B 24 0.45 -8.59 -5.67
CA LYS B 24 1.22 -9.31 -6.68
C LYS B 24 2.72 -9.12 -6.48
N ARG B 25 3.50 -9.98 -7.13
CA ARG B 25 4.95 -9.92 -7.01
C ARG B 25 5.57 -9.03 -8.09
N TRP B 26 6.02 -7.86 -7.69
CA TRP B 26 6.67 -6.94 -8.60
C TRP B 26 8.15 -7.34 -8.71
N GLY B 27 8.42 -8.36 -9.53
CA GLY B 27 9.78 -8.85 -9.69
C GLY B 27 10.13 -9.79 -8.55
N ASN B 28 10.05 -9.26 -7.33
CA ASN B 28 10.33 -10.02 -6.12
C ASN B 28 9.65 -9.32 -4.95
N SER B 29 9.85 -8.02 -4.87
CA SER B 29 9.25 -7.22 -3.82
C SER B 29 7.77 -7.01 -4.13
N PRO B 30 6.90 -7.30 -3.16
CA PRO B 30 5.46 -7.15 -3.33
C PRO B 30 5.03 -5.70 -3.38
N ALA B 31 3.94 -5.45 -4.10
CA ALA B 31 3.41 -4.11 -4.23
C ALA B 31 1.90 -4.13 -4.12
N VAL B 32 1.35 -3.16 -3.40
CA VAL B 32 -0.09 -3.06 -3.22
C VAL B 32 -0.74 -2.43 -4.44
N ARG B 33 -1.72 -3.13 -4.99
CA ARG B 33 -2.44 -2.64 -6.17
C ARG B 33 -3.39 -1.51 -5.79
N ILE B 34 -2.91 -0.28 -5.92
CA ILE B 34 -3.71 0.89 -5.61
C ILE B 34 -4.11 1.60 -6.89
N PRO B 35 -5.41 1.57 -7.23
CA PRO B 35 -5.94 2.20 -8.42
C PRO B 35 -5.68 3.70 -8.45
N ALA B 36 -5.45 4.24 -9.64
CA ALA B 36 -5.18 5.66 -9.81
C ALA B 36 -6.34 6.51 -9.30
N THR B 37 -7.52 5.93 -9.31
CA THR B 37 -8.72 6.62 -8.83
C THR B 37 -8.57 7.05 -7.38
N LEU B 38 -7.95 6.19 -6.58
CA LEU B 38 -7.73 6.48 -5.16
C LEU B 38 -6.64 7.52 -5.00
N MET B 39 -5.65 7.46 -5.89
CA MET B 39 -4.53 8.41 -5.87
C MET B 39 -5.04 9.82 -6.09
N GLN B 40 -6.00 9.95 -7.01
CA GLN B 40 -6.59 11.24 -7.34
C GLN B 40 -7.38 11.82 -6.17
N ALA B 41 -7.99 10.93 -5.39
CA ALA B 41 -8.77 11.34 -4.22
C ALA B 41 -7.88 11.89 -3.11
N LEU B 42 -6.64 11.40 -3.06
CA LEU B 42 -5.69 11.84 -2.05
C LEU B 42 -4.82 12.99 -2.56
N ASN B 43 -4.93 13.27 -3.85
CA ASN B 43 -4.18 14.35 -4.51
C ASN B 43 -2.68 14.06 -4.62
N LEU B 44 -2.34 12.79 -4.84
CA LEU B 44 -0.94 12.40 -4.98
C LEU B 44 -0.74 11.75 -6.35
N ASN B 45 0.51 11.66 -6.80
CA ASN B 45 0.78 11.08 -8.12
C ASN B 45 2.02 10.19 -8.11
N ILE B 46 2.52 9.88 -9.30
CA ILE B 46 3.69 9.03 -9.45
C ILE B 46 4.96 9.75 -9.00
N ASP B 47 5.91 8.98 -8.48
CA ASP B 47 7.21 9.49 -8.02
C ASP B 47 7.12 10.23 -6.69
N ASP B 48 5.95 10.21 -6.09
CA ASP B 48 5.76 10.85 -4.80
C ASP B 48 6.24 9.94 -3.69
N GLU B 49 6.34 10.47 -2.49
CA GLU B 49 6.80 9.68 -1.36
C GLU B 49 5.68 9.52 -0.34
N VAL B 50 5.63 8.36 0.29
CA VAL B 50 4.62 8.09 1.29
C VAL B 50 5.25 7.67 2.60
N LYS B 51 4.70 8.17 3.69
CA LYS B 51 5.20 7.83 5.02
C LYS B 51 4.42 6.64 5.55
N ILE B 52 4.95 5.45 5.30
CA ILE B 52 4.32 4.22 5.74
C ILE B 52 4.53 4.04 7.23
N ASP B 53 3.47 4.18 7.99
CA ASP B 53 3.54 4.03 9.43
C ASP B 53 2.92 2.70 9.85
N LEU B 54 3.54 2.04 10.80
CA LEU B 54 3.04 0.76 11.28
C LEU B 54 2.31 0.94 12.61
N VAL B 55 1.04 1.28 12.52
CA VAL B 55 0.21 1.47 13.72
C VAL B 55 -0.47 0.16 14.10
N ASP B 56 -0.03 -0.40 15.23
CA ASP B 56 -0.59 -1.65 15.74
C ASP B 56 -0.33 -2.82 14.79
N GLY B 57 0.54 -2.60 13.81
CA GLY B 57 0.85 -3.63 12.84
C GLY B 57 0.10 -3.45 11.54
N LYS B 58 -0.63 -2.34 11.42
CA LYS B 58 -1.39 -2.04 10.21
C LYS B 58 -0.58 -1.17 9.28
N LEU B 59 -0.78 -1.36 7.98
CA LEU B 59 -0.06 -0.58 6.97
C LEU B 59 -0.75 0.75 6.75
N ILE B 60 -0.30 1.77 7.47
CA ILE B 60 -0.86 3.09 7.36
C ILE B 60 -0.08 3.89 6.32
N ILE B 61 -0.51 3.84 5.07
CA ILE B 61 0.16 4.56 4.00
C ILE B 61 -0.33 6.00 3.94
N GLU B 62 0.41 6.89 4.59
CA GLU B 62 0.08 8.31 4.61
C GLU B 62 1.02 9.07 3.68
N PRO B 63 0.50 9.54 2.54
CA PRO B 63 1.30 10.27 1.55
C PRO B 63 1.73 11.64 2.07
N VAL B 64 2.80 12.18 1.48
CA VAL B 64 3.30 13.48 1.87
C VAL B 64 2.52 14.58 1.17
N ARG B 65 1.86 15.42 1.97
CA ARG B 65 1.05 16.52 1.46
C ARG B 65 1.83 17.43 0.52
N LYS B 66 1.12 18.04 -0.41
CA LYS B 66 1.71 18.95 -1.37
C LYS B 66 1.17 20.36 -1.15
N GLU B 67 0.77 20.63 0.09
CA GLU B 67 0.22 21.92 0.47
C GLU B 67 1.34 22.87 0.86
N GLY A 18 7.47 5.11 9.21
CA GLY A 18 8.60 4.16 9.37
C GLY A 18 9.58 4.25 8.23
N ILE A 19 9.13 3.94 7.02
CA ILE A 19 9.98 3.99 5.84
C ILE A 19 9.26 4.74 4.73
N HIS A 20 10.01 5.48 3.92
CA HIS A 20 9.44 6.24 2.82
C HIS A 20 9.58 5.49 1.49
N SER A 21 8.53 4.80 1.10
CA SER A 21 8.52 4.05 -0.14
C SER A 21 8.07 4.93 -1.31
N SER A 22 8.66 4.69 -2.47
CA SER A 22 8.33 5.43 -3.66
C SER A 22 7.15 4.80 -4.40
N VAL A 23 6.18 5.62 -4.77
CA VAL A 23 5.02 5.13 -5.50
C VAL A 23 5.26 5.19 -6.99
N LYS A 24 5.57 4.05 -7.59
CA LYS A 24 5.84 4.00 -9.02
C LYS A 24 4.67 3.40 -9.79
N ARG A 25 4.76 3.43 -11.11
CA ARG A 25 3.69 2.92 -11.95
C ARG A 25 4.02 1.54 -12.51
N TRP A 26 3.19 0.56 -12.18
CA TRP A 26 3.38 -0.79 -12.67
C TRP A 26 2.20 -1.17 -13.56
N GLY A 27 2.43 -1.18 -14.86
CA GLY A 27 1.39 -1.51 -15.80
C GLY A 27 0.54 -0.30 -16.13
N ASN A 28 -0.30 0.10 -15.19
CA ASN A 28 -1.17 1.26 -15.36
C ASN A 28 -1.40 1.94 -14.02
N SER A 29 -1.86 1.19 -13.04
CA SER A 29 -2.09 1.72 -11.71
C SER A 29 -0.79 1.77 -10.92
N PRO A 30 -0.66 2.74 -10.02
CA PRO A 30 0.52 2.87 -9.17
C PRO A 30 0.63 1.72 -8.17
N ALA A 31 1.86 1.38 -7.80
CA ALA A 31 2.10 0.29 -6.88
C ALA A 31 3.13 0.70 -5.83
N VAL A 32 2.79 0.48 -4.57
CA VAL A 32 3.67 0.80 -3.47
C VAL A 32 4.46 -0.44 -3.05
N ARG A 33 5.79 -0.32 -3.05
CA ARG A 33 6.65 -1.43 -2.68
C ARG A 33 6.75 -1.56 -1.16
N ILE A 34 6.46 -2.76 -0.67
CA ILE A 34 6.53 -3.03 0.75
C ILE A 34 7.64 -4.03 1.04
N PRO A 35 8.57 -3.68 1.93
CA PRO A 35 9.70 -4.54 2.30
C PRO A 35 9.22 -5.91 2.79
N ALA A 36 9.94 -6.96 2.41
CA ALA A 36 9.60 -8.33 2.80
C ALA A 36 9.54 -8.49 4.32
N THR A 37 10.27 -7.64 5.03
CA THR A 37 10.31 -7.69 6.48
C THR A 37 8.93 -7.47 7.10
N LEU A 38 8.12 -6.63 6.47
CA LEU A 38 6.77 -6.35 6.96
C LEU A 38 5.84 -7.52 6.72
N MET A 39 6.09 -8.26 5.63
CA MET A 39 5.28 -9.41 5.29
C MET A 39 5.44 -10.50 6.34
N GLN A 40 6.66 -10.65 6.85
CA GLN A 40 6.96 -11.65 7.86
C GLN A 40 6.42 -11.25 9.22
N ALA A 41 6.08 -9.97 9.36
CA ALA A 41 5.57 -9.46 10.62
C ALA A 41 4.06 -9.64 10.73
N LEU A 42 3.34 -9.29 9.67
CA LEU A 42 1.88 -9.41 9.67
C LEU A 42 1.43 -10.79 9.19
N ASN A 43 2.38 -11.53 8.61
CA ASN A 43 2.10 -12.88 8.09
C ASN A 43 1.20 -12.85 6.88
N LEU A 44 1.73 -12.31 5.79
CA LEU A 44 1.00 -12.24 4.53
C LEU A 44 1.86 -12.85 3.43
N ASN A 45 1.21 -13.44 2.44
CA ASN A 45 1.93 -14.08 1.35
C ASN A 45 1.75 -13.35 0.03
N ILE A 46 2.42 -13.83 -1.01
CA ILE A 46 2.34 -13.23 -2.33
C ILE A 46 1.02 -13.64 -2.99
N ASP A 47 0.44 -12.70 -3.74
CA ASP A 47 -0.82 -12.92 -4.44
C ASP A 47 -2.01 -12.96 -3.48
N ASP A 48 -1.75 -12.54 -2.25
CA ASP A 48 -2.80 -12.52 -1.23
C ASP A 48 -3.67 -11.29 -1.44
N GLU A 49 -4.83 -11.27 -0.81
CA GLU A 49 -5.75 -10.15 -0.96
C GLU A 49 -5.78 -9.28 0.30
N VAL A 50 -5.60 -7.98 0.09
CA VAL A 50 -5.61 -7.03 1.19
C VAL A 50 -6.80 -6.10 1.07
N LYS A 51 -7.42 -5.80 2.20
CA LYS A 51 -8.57 -4.91 2.21
C LYS A 51 -8.13 -3.47 2.42
N ILE A 52 -8.09 -2.72 1.34
CA ILE A 52 -7.72 -1.32 1.40
C ILE A 52 -8.92 -0.47 1.82
N ASP A 53 -8.85 0.12 3.00
CA ASP A 53 -9.91 0.95 3.50
C ASP A 53 -9.45 2.41 3.57
N LEU A 54 -10.40 3.32 3.68
CA LEU A 54 -10.08 4.73 3.74
C LEU A 54 -10.66 5.37 5.00
N VAL A 55 -9.79 5.68 5.95
CA VAL A 55 -10.19 6.28 7.20
C VAL A 55 -9.36 7.54 7.45
N ASP A 56 -10.04 8.66 7.68
CA ASP A 56 -9.38 9.95 7.93
C ASP A 56 -8.54 10.40 6.73
N GLY A 57 -8.87 9.86 5.56
CA GLY A 57 -8.15 10.19 4.36
C GLY A 57 -6.82 9.46 4.27
N LYS A 58 -6.65 8.46 5.13
CA LYS A 58 -5.44 7.67 5.15
C LYS A 58 -5.69 6.31 4.56
N LEU A 59 -4.68 5.78 3.87
CA LEU A 59 -4.79 4.47 3.26
C LEU A 59 -4.58 3.38 4.30
N ILE A 60 -5.67 2.76 4.72
CA ILE A 60 -5.62 1.71 5.72
C ILE A 60 -5.61 0.35 5.04
N ILE A 61 -4.42 -0.18 4.80
CA ILE A 61 -4.28 -1.48 4.15
C ILE A 61 -4.29 -2.58 5.21
N GLU A 62 -5.44 -3.22 5.35
CA GLU A 62 -5.60 -4.28 6.32
C GLU A 62 -5.63 -5.64 5.63
N PRO A 63 -4.60 -6.46 5.82
CA PRO A 63 -4.51 -7.78 5.22
C PRO A 63 -5.53 -8.73 5.83
N VAL A 64 -6.29 -9.41 4.98
CA VAL A 64 -7.29 -10.35 5.45
C VAL A 64 -6.60 -11.63 5.90
N ARG A 65 -6.44 -11.79 7.21
CA ARG A 65 -5.78 -12.96 7.79
C ARG A 65 -6.36 -14.26 7.22
N LYS A 66 -5.48 -15.20 6.93
CA LYS A 66 -5.89 -16.48 6.38
C LYS A 66 -5.94 -17.55 7.47
N GLU A 67 -6.22 -17.12 8.69
CA GLU A 67 -6.33 -18.03 9.82
C GLU A 67 -7.60 -18.87 9.72
N GLY B 18 -14.66 -1.62 1.02
CA GLY B 18 -13.21 -1.89 1.00
C GLY B 18 -12.74 -2.39 -0.35
N ILE B 19 -11.53 -2.03 -0.74
CA ILE B 19 -10.97 -2.45 -2.01
C ILE B 19 -10.00 -3.61 -1.80
N HIS B 20 -10.31 -4.76 -2.38
CA HIS B 20 -9.46 -5.93 -2.24
C HIS B 20 -8.51 -6.05 -3.42
N SER B 21 -7.25 -5.72 -3.18
CA SER B 21 -6.23 -5.80 -4.21
C SER B 21 -5.28 -6.96 -3.90
N SER B 22 -4.72 -7.56 -4.94
CA SER B 22 -3.81 -8.68 -4.77
C SER B 22 -2.38 -8.19 -4.62
N VAL B 23 -1.64 -8.79 -3.69
CA VAL B 23 -0.25 -8.44 -3.46
C VAL B 23 0.62 -9.11 -4.53
N LYS B 24 0.63 -8.51 -5.71
CA LYS B 24 1.38 -9.03 -6.84
C LYS B 24 2.88 -8.89 -6.63
N ARG B 25 3.65 -9.74 -7.31
CA ARG B 25 5.09 -9.73 -7.20
C ARG B 25 5.70 -8.87 -8.30
N TRP B 26 6.28 -7.74 -7.92
CA TRP B 26 6.91 -6.84 -8.87
C TRP B 26 8.33 -7.31 -9.15
N GLY B 27 8.44 -8.37 -9.94
CA GLY B 27 9.75 -8.91 -10.29
C GLY B 27 10.29 -9.80 -9.19
N ASN B 28 10.41 -9.24 -7.99
CA ASN B 28 10.91 -9.98 -6.85
C ASN B 28 10.23 -9.50 -5.58
N SER B 29 10.21 -8.19 -5.40
CA SER B 29 9.59 -7.57 -4.23
C SER B 29 8.08 -7.45 -4.43
N PRO B 30 7.29 -7.50 -3.35
CA PRO B 30 5.84 -7.41 -3.42
C PRO B 30 5.36 -5.96 -3.55
N ALA B 31 4.26 -5.78 -4.27
CA ALA B 31 3.69 -4.45 -4.47
C ALA B 31 2.17 -4.50 -4.44
N VAL B 32 1.58 -3.55 -3.71
CA VAL B 32 0.12 -3.47 -3.60
C VAL B 32 -0.43 -2.50 -4.64
N ARG B 33 -1.46 -2.92 -5.34
CA ARG B 33 -2.08 -2.09 -6.36
C ARG B 33 -3.07 -1.10 -5.76
N ILE B 34 -2.90 0.16 -6.09
CA ILE B 34 -3.77 1.21 -5.59
C ILE B 34 -4.39 1.96 -6.77
N PRO B 35 -5.73 1.94 -6.89
CA PRO B 35 -6.45 2.59 -7.99
C PRO B 35 -6.09 4.07 -8.12
N ALA B 36 -5.90 4.52 -9.35
CA ALA B 36 -5.55 5.92 -9.61
C ALA B 36 -6.62 6.85 -9.10
N THR B 37 -7.86 6.37 -9.12
CA THR B 37 -9.01 7.12 -8.64
C THR B 37 -8.86 7.44 -7.15
N LEU B 38 -8.14 6.59 -6.45
CA LEU B 38 -7.91 6.78 -5.01
C LEU B 38 -6.73 7.71 -4.80
N MET B 39 -5.74 7.60 -5.67
CA MET B 39 -4.55 8.43 -5.60
C MET B 39 -4.94 9.90 -5.76
N GLN B 40 -5.75 10.16 -6.78
CA GLN B 40 -6.21 11.52 -7.06
C GLN B 40 -7.15 12.02 -5.96
N ALA B 41 -7.74 11.09 -5.21
CA ALA B 41 -8.64 11.44 -4.12
C ALA B 41 -7.83 12.01 -2.97
N LEU B 42 -6.63 11.45 -2.77
CA LEU B 42 -5.74 11.90 -1.71
C LEU B 42 -4.83 13.00 -2.24
N ASN B 43 -4.92 13.21 -3.56
CA ASN B 43 -4.15 14.25 -4.26
C ASN B 43 -2.68 13.91 -4.45
N LEU B 44 -2.31 12.65 -4.30
CA LEU B 44 -0.93 12.23 -4.49
C LEU B 44 -0.73 11.73 -5.92
N ASN B 45 0.49 11.83 -6.42
CA ASN B 45 0.77 11.42 -7.79
C ASN B 45 1.86 10.36 -7.86
N ILE B 46 2.25 10.01 -9.08
CA ILE B 46 3.30 9.02 -9.30
C ILE B 46 4.66 9.62 -8.93
N ASP B 47 5.59 8.77 -8.48
CA ASP B 47 6.94 9.19 -8.08
C ASP B 47 6.94 9.84 -6.70
N ASP B 48 5.76 9.92 -6.10
CA ASP B 48 5.63 10.51 -4.78
C ASP B 48 6.14 9.56 -3.71
N GLU B 49 6.35 10.10 -2.51
CA GLU B 49 6.84 9.30 -1.39
C GLU B 49 5.76 9.13 -0.34
N VAL B 50 5.56 7.89 0.10
CA VAL B 50 4.56 7.59 1.11
C VAL B 50 5.20 7.17 2.42
N LYS B 51 4.75 7.78 3.49
CA LYS B 51 5.25 7.47 4.82
C LYS B 51 4.51 6.27 5.39
N ILE B 52 5.07 5.10 5.18
CA ILE B 52 4.46 3.87 5.67
C ILE B 52 4.74 3.70 7.15
N ASP B 53 3.69 3.69 7.95
CA ASP B 53 3.81 3.53 9.39
C ASP B 53 3.01 2.32 9.86
N LEU B 54 3.53 1.63 10.85
CA LEU B 54 2.86 0.46 11.40
C LEU B 54 2.03 0.87 12.61
N VAL B 55 0.80 1.29 12.34
CA VAL B 55 -0.09 1.72 13.41
C VAL B 55 -1.15 0.67 13.66
N ASP B 56 -1.27 0.24 14.91
CA ASP B 56 -2.25 -0.76 15.33
C ASP B 56 -1.98 -2.10 14.67
N GLY B 57 -0.77 -2.29 14.18
CA GLY B 57 -0.42 -3.53 13.51
C GLY B 57 -0.94 -3.59 12.09
N LYS B 58 -1.32 -2.44 11.56
CA LYS B 58 -1.82 -2.36 10.20
C LYS B 58 -0.92 -1.47 9.35
N LEU B 59 -0.97 -1.66 8.05
CA LEU B 59 -0.15 -0.88 7.13
C LEU B 59 -0.81 0.46 6.85
N ILE B 60 -0.36 1.49 7.55
CA ILE B 60 -0.90 2.83 7.37
C ILE B 60 -0.02 3.61 6.41
N ILE B 61 -0.52 3.80 5.20
CA ILE B 61 0.20 4.55 4.19
C ILE B 61 -0.21 6.02 4.21
N GLU B 62 0.70 6.86 4.66
CA GLU B 62 0.44 8.29 4.74
C GLU B 62 1.32 9.05 3.76
N PRO B 63 0.78 9.46 2.61
CA PRO B 63 1.54 10.19 1.60
C PRO B 63 1.92 11.59 2.08
N VAL B 64 3.04 12.10 1.56
CA VAL B 64 3.50 13.43 1.93
C VAL B 64 2.63 14.50 1.29
N ARG B 65 1.75 15.08 2.09
CA ARG B 65 0.83 16.12 1.64
C ARG B 65 1.58 17.32 1.09
N LYS B 66 1.24 17.71 -0.13
CA LYS B 66 1.89 18.85 -0.77
C LYS B 66 1.24 20.14 -0.30
N GLU B 67 1.65 20.60 0.88
CA GLU B 67 1.12 21.82 1.45
C GLU B 67 2.12 22.95 1.32
N GLY A 18 10.96 5.14 9.57
CA GLY A 18 10.06 4.84 8.43
C GLY A 18 10.77 4.95 7.11
N ILE A 19 10.55 3.99 6.23
CA ILE A 19 11.19 3.98 4.92
C ILE A 19 10.32 4.72 3.90
N HIS A 20 10.80 5.86 3.44
CA HIS A 20 10.07 6.66 2.46
C HIS A 20 10.24 6.05 1.07
N SER A 21 9.21 5.34 0.63
CA SER A 21 9.24 4.69 -0.67
C SER A 21 8.41 5.48 -1.69
N SER A 22 8.90 5.51 -2.92
CA SER A 22 8.22 6.22 -3.99
C SER A 22 7.17 5.33 -4.65
N VAL A 23 5.97 5.89 -4.84
CA VAL A 23 4.89 5.16 -5.48
C VAL A 23 5.09 5.17 -6.98
N LYS A 24 5.65 4.10 -7.51
CA LYS A 24 5.90 3.98 -8.94
C LYS A 24 4.68 3.42 -9.67
N ARG A 25 4.67 3.59 -10.98
CA ARG A 25 3.58 3.14 -11.82
C ARG A 25 3.93 1.84 -12.55
N TRP A 26 3.31 0.75 -12.13
CA TRP A 26 3.53 -0.54 -12.76
C TRP A 26 2.47 -0.77 -13.84
N GLY A 27 2.89 -0.67 -15.09
CA GLY A 27 1.95 -0.85 -16.18
C GLY A 27 1.12 0.40 -16.40
N ASN A 28 0.25 0.70 -15.45
CA ASN A 28 -0.61 1.87 -15.51
C ASN A 28 -1.00 2.31 -14.10
N SER A 29 -1.39 1.36 -13.27
CA SER A 29 -1.78 1.66 -11.90
C SER A 29 -0.55 1.72 -11.00
N PRO A 30 -0.45 2.74 -10.15
CA PRO A 30 0.66 2.88 -9.21
C PRO A 30 0.67 1.71 -8.22
N ALA A 31 1.86 1.32 -7.79
CA ALA A 31 1.99 0.22 -6.85
C ALA A 31 2.96 0.53 -5.74
N VAL A 32 2.48 0.45 -4.51
CA VAL A 32 3.30 0.70 -3.34
C VAL A 32 3.99 -0.59 -2.93
N ARG A 33 5.31 -0.60 -2.99
CA ARG A 33 6.08 -1.77 -2.63
C ARG A 33 6.18 -1.94 -1.12
N ILE A 34 6.08 -3.18 -0.67
CA ILE A 34 6.16 -3.50 0.74
C ILE A 34 7.36 -4.42 0.97
N PRO A 35 8.27 -4.03 1.87
CA PRO A 35 9.46 -4.82 2.19
C PRO A 35 9.08 -6.19 2.77
N ALA A 36 9.89 -7.19 2.48
CA ALA A 36 9.65 -8.55 2.95
C ALA A 36 9.51 -8.59 4.47
N THR A 37 10.18 -7.67 5.14
CA THR A 37 10.15 -7.59 6.59
C THR A 37 8.72 -7.38 7.11
N LEU A 38 7.96 -6.54 6.42
CA LEU A 38 6.58 -6.27 6.81
C LEU A 38 5.69 -7.46 6.52
N MET A 39 6.04 -8.20 5.47
CA MET A 39 5.29 -9.38 5.07
C MET A 39 5.39 -10.46 6.14
N GLN A 40 6.58 -10.59 6.72
CA GLN A 40 6.84 -11.57 7.76
C GLN A 40 6.24 -11.13 9.08
N ALA A 41 6.06 -9.83 9.25
CA ALA A 41 5.50 -9.28 10.47
C ALA A 41 3.99 -9.48 10.53
N LEU A 42 3.31 -9.15 9.43
CA LEU A 42 1.85 -9.27 9.37
C LEU A 42 1.42 -10.68 8.96
N ASN A 43 2.39 -11.51 8.62
CA ASN A 43 2.13 -12.89 8.20
C ASN A 43 1.22 -12.93 6.98
N LEU A 44 1.63 -12.26 5.92
CA LEU A 44 0.85 -12.23 4.69
C LEU A 44 1.57 -13.02 3.60
N ASN A 45 0.87 -13.35 2.52
CA ASN A 45 1.48 -14.10 1.44
C ASN A 45 1.41 -13.34 0.12
N ILE A 46 2.00 -13.93 -0.91
CA ILE A 46 2.02 -13.32 -2.24
C ILE A 46 0.71 -13.61 -2.96
N ASP A 47 0.19 -12.59 -3.63
CA ASP A 47 -1.07 -12.69 -4.38
C ASP A 47 -2.27 -12.92 -3.48
N ASP A 48 -2.11 -12.62 -2.19
CA ASP A 48 -3.21 -12.79 -1.25
C ASP A 48 -4.07 -11.53 -1.22
N GLU A 49 -5.34 -11.68 -0.88
CA GLU A 49 -6.27 -10.57 -0.83
C GLU A 49 -6.20 -9.79 0.48
N VAL A 50 -5.98 -8.48 0.35
CA VAL A 50 -5.91 -7.61 1.50
C VAL A 50 -7.13 -6.69 1.51
N LYS A 51 -7.62 -6.37 2.70
CA LYS A 51 -8.78 -5.52 2.83
C LYS A 51 -8.37 -4.06 2.97
N ILE A 52 -8.38 -3.34 1.85
CA ILE A 52 -8.02 -1.93 1.83
C ILE A 52 -9.22 -1.07 2.18
N ASP A 53 -9.06 -0.21 3.17
CA ASP A 53 -10.14 0.67 3.59
C ASP A 53 -9.67 2.11 3.69
N LEU A 54 -10.57 3.05 3.43
CA LEU A 54 -10.24 4.46 3.50
C LEU A 54 -10.83 5.05 4.76
N VAL A 55 -10.03 5.10 5.82
CA VAL A 55 -10.49 5.63 7.10
C VAL A 55 -9.93 7.01 7.35
N ASP A 56 -10.82 8.01 7.30
CA ASP A 56 -10.45 9.40 7.53
C ASP A 56 -9.37 9.91 6.59
N GLY A 57 -9.50 9.59 5.31
CA GLY A 57 -8.55 10.03 4.31
C GLY A 57 -7.22 9.32 4.41
N LYS A 58 -7.19 8.20 5.13
CA LYS A 58 -5.97 7.44 5.28
C LYS A 58 -6.12 6.05 4.66
N LEU A 59 -5.07 5.59 3.99
CA LEU A 59 -5.09 4.28 3.36
C LEU A 59 -4.82 3.20 4.39
N ILE A 60 -5.88 2.52 4.80
CA ILE A 60 -5.78 1.46 5.79
C ILE A 60 -5.74 0.11 5.10
N ILE A 61 -4.54 -0.36 4.82
CA ILE A 61 -4.36 -1.65 4.17
C ILE A 61 -4.20 -2.75 5.22
N GLU A 62 -5.24 -3.55 5.39
CA GLU A 62 -5.22 -4.62 6.36
C GLU A 62 -5.39 -5.96 5.68
N PRO A 63 -4.33 -6.78 5.67
CA PRO A 63 -4.37 -8.10 5.05
C PRO A 63 -5.38 -9.01 5.74
N VAL A 64 -6.16 -9.75 4.96
CA VAL A 64 -7.15 -10.65 5.53
C VAL A 64 -6.46 -11.90 6.04
N ARG A 65 -6.15 -11.88 7.33
CA ARG A 65 -5.47 -12.98 8.00
C ARG A 65 -6.14 -14.32 7.73
N LYS A 66 -5.39 -15.22 7.14
CA LYS A 66 -5.90 -16.54 6.82
C LYS A 66 -5.63 -17.50 7.96
N GLU A 67 -6.62 -17.70 8.80
CA GLU A 67 -6.50 -18.60 9.93
C GLU A 67 -7.68 -19.58 9.96
N GLY B 18 -13.33 -0.87 1.83
CA GLY B 18 -13.31 -2.35 1.95
C GLY B 18 -13.07 -3.04 0.62
N ILE B 19 -11.96 -2.72 -0.03
CA ILE B 19 -11.62 -3.31 -1.31
C ILE B 19 -10.60 -4.42 -1.11
N HIS B 20 -10.86 -5.58 -1.67
CA HIS B 20 -9.94 -6.71 -1.53
C HIS B 20 -9.08 -6.89 -2.77
N SER B 21 -7.82 -6.47 -2.66
CA SER B 21 -6.88 -6.58 -3.77
C SER B 21 -5.77 -7.58 -3.43
N SER B 22 -5.19 -8.19 -4.46
CA SER B 22 -4.13 -9.16 -4.26
C SER B 22 -2.77 -8.49 -4.24
N VAL B 23 -1.91 -8.91 -3.31
CA VAL B 23 -0.57 -8.37 -3.20
C VAL B 23 0.32 -8.93 -4.31
N LYS B 24 0.50 -8.15 -5.37
CA LYS B 24 1.30 -8.59 -6.52
C LYS B 24 2.79 -8.52 -6.21
N ARG B 25 3.59 -9.07 -7.11
CA ARG B 25 5.04 -9.08 -6.94
C ARG B 25 5.71 -8.35 -8.11
N TRP B 26 6.27 -7.19 -7.82
CA TRP B 26 6.94 -6.39 -8.85
C TRP B 26 8.46 -6.48 -8.69
N GLY B 27 9.09 -7.17 -9.63
CA GLY B 27 10.54 -7.34 -9.57
C GLY B 27 10.91 -8.46 -8.62
N ASN B 28 10.52 -8.29 -7.37
CA ASN B 28 10.77 -9.29 -6.33
C ASN B 28 9.98 -8.92 -5.09
N SER B 29 10.01 -7.64 -4.76
CA SER B 29 9.29 -7.12 -3.60
C SER B 29 7.80 -7.02 -3.90
N PRO B 30 6.95 -7.45 -2.96
CA PRO B 30 5.49 -7.39 -3.12
C PRO B 30 5.01 -5.94 -3.20
N ALA B 31 3.99 -5.71 -4.01
CA ALA B 31 3.45 -4.37 -4.16
C ALA B 31 1.93 -4.39 -4.27
N VAL B 32 1.29 -3.41 -3.66
CA VAL B 32 -0.17 -3.31 -3.69
C VAL B 32 -0.61 -2.38 -4.82
N ARG B 33 -1.51 -2.87 -5.66
CA ARG B 33 -2.02 -2.08 -6.77
C ARG B 33 -3.06 -1.07 -6.29
N ILE B 34 -2.86 0.19 -6.62
CA ILE B 34 -3.80 1.24 -6.23
C ILE B 34 -4.30 1.96 -7.47
N PRO B 35 -5.62 2.14 -7.60
CA PRO B 35 -6.22 2.85 -8.74
C PRO B 35 -5.75 4.30 -8.82
N ALA B 36 -5.44 4.75 -10.03
CA ALA B 36 -4.96 6.10 -10.23
C ALA B 36 -6.02 7.11 -9.81
N THR B 37 -7.28 6.71 -9.94
CA THR B 37 -8.40 7.55 -9.56
C THR B 37 -8.39 7.82 -8.06
N LEU B 38 -7.94 6.84 -7.29
CA LEU B 38 -7.86 6.97 -5.84
C LEU B 38 -6.72 7.91 -5.46
N MET B 39 -5.67 7.89 -6.28
CA MET B 39 -4.51 8.74 -6.05
C MET B 39 -4.92 10.21 -6.14
N GLN B 40 -5.76 10.52 -7.13
CA GLN B 40 -6.24 11.88 -7.31
C GLN B 40 -7.18 12.28 -6.17
N ALA B 41 -7.83 11.28 -5.58
CA ALA B 41 -8.77 11.51 -4.49
C ALA B 41 -8.03 11.86 -3.20
N LEU B 42 -6.82 11.30 -3.05
CA LEU B 42 -6.01 11.55 -1.87
C LEU B 42 -5.05 12.71 -2.11
N ASN B 43 -5.02 13.18 -3.35
CA ASN B 43 -4.18 14.30 -3.77
C ASN B 43 -2.69 13.95 -3.82
N LEU B 44 -2.35 13.01 -4.70
CA LEU B 44 -0.98 12.59 -4.90
C LEU B 44 -0.84 11.93 -6.27
N ASN B 45 0.37 11.91 -6.81
CA ASN B 45 0.59 11.32 -8.13
C ASN B 45 1.72 10.30 -8.10
N ILE B 46 2.18 9.92 -9.29
CA ILE B 46 3.25 8.93 -9.42
C ILE B 46 4.60 9.53 -9.01
N ASP B 47 5.49 8.67 -8.51
CA ASP B 47 6.84 9.07 -8.09
C ASP B 47 6.84 9.83 -6.76
N ASP B 48 5.68 9.90 -6.13
CA ASP B 48 5.57 10.59 -4.85
C ASP B 48 6.01 9.66 -3.72
N GLU B 49 6.37 10.23 -2.59
CA GLU B 49 6.83 9.44 -1.45
C GLU B 49 5.74 9.30 -0.40
N VAL B 50 5.51 8.07 0.05
CA VAL B 50 4.50 7.80 1.06
C VAL B 50 5.15 7.31 2.35
N LYS B 51 4.63 7.80 3.46
CA LYS B 51 5.12 7.41 4.76
C LYS B 51 4.37 6.16 5.22
N ILE B 52 4.98 5.02 5.03
CA ILE B 52 4.38 3.75 5.42
C ILE B 52 4.53 3.56 6.92
N ASP B 53 3.47 3.88 7.66
CA ASP B 53 3.46 3.74 9.11
C ASP B 53 2.83 2.42 9.52
N LEU B 54 3.04 2.04 10.76
CA LEU B 54 2.49 0.80 11.29
C LEU B 54 1.84 1.04 12.65
N VAL B 55 0.52 1.18 12.65
CA VAL B 55 -0.21 1.45 13.87
C VAL B 55 -0.99 0.21 14.32
N ASP B 56 -0.44 -0.50 15.29
CA ASP B 56 -1.07 -1.71 15.85
C ASP B 56 -1.34 -2.74 14.76
N GLY B 57 -0.26 -3.22 14.13
CA GLY B 57 -0.40 -4.22 13.08
C GLY B 57 -1.30 -3.77 11.94
N LYS B 58 -1.11 -2.54 11.49
CA LYS B 58 -1.91 -2.00 10.40
C LYS B 58 -1.05 -1.11 9.52
N LEU B 59 -1.12 -1.35 8.22
CA LEU B 59 -0.35 -0.57 7.26
C LEU B 59 -1.01 0.78 7.03
N ILE B 60 -0.42 1.82 7.60
CA ILE B 60 -0.93 3.17 7.47
C ILE B 60 -0.13 3.95 6.45
N ILE B 61 -0.59 3.95 5.21
CA ILE B 61 0.10 4.67 4.15
C ILE B 61 -0.35 6.12 4.10
N GLU B 62 0.54 7.02 4.47
CA GLU B 62 0.24 8.44 4.46
C GLU B 62 1.18 9.18 3.51
N PRO B 63 0.66 9.61 2.35
CA PRO B 63 1.45 10.34 1.35
C PRO B 63 1.88 11.70 1.87
N VAL B 64 3.06 12.14 1.49
CA VAL B 64 3.57 13.44 1.91
C VAL B 64 2.81 14.56 1.21
N ARG B 65 1.91 15.20 1.97
CA ARG B 65 1.09 16.29 1.46
C ARG B 65 1.94 17.39 0.84
N LYS B 66 1.66 17.71 -0.41
CA LYS B 66 2.40 18.74 -1.12
C LYS B 66 1.79 20.11 -0.88
N GLU B 67 1.94 20.60 0.34
CA GLU B 67 1.43 21.90 0.70
C GLU B 67 2.56 22.92 0.78
#